data_8QTW
#
_entry.id   8QTW
#
_cell.length_a   154.231
_cell.length_b   154.231
_cell.length_c   127.979
_cell.angle_alpha   90.000
_cell.angle_beta   90.000
_cell.angle_gamma   90.000
#
_symmetry.space_group_name_H-M   'I 4 2 2'
#
loop_
_entity.id
_entity.type
_entity.pdbx_description
1 polymer Cholinesterase
2 branched alpha-L-fucopyranose-(1-6)-2-acetamido-2-deoxy-beta-D-glucopyranose
3 branched beta-D-mannopyranose-(1-4)-2-acetamido-2-deoxy-beta-D-glucopyranose-(1-4)-[alpha-L-fucopyranose-(1-6)]2-acetamido-2-deoxy-beta-D-glucopyranose
4 branched 2-acetamido-2-deoxy-beta-D-glucopyranose-(1-4)-[alpha-L-fucopyranose-(1-6)]2-acetamido-2-deoxy-beta-D-glucopyranose
5 non-polymer 2-acetamido-2-deoxy-beta-D-glucopyranose
6 non-polymer GLYCEROL
7 non-polymer '2-(N-MORPHOLINO)-ETHANESULFONIC ACID'
8 non-polymer 'GLYCOLIC ACID'
9 non-polymer 'N-acetyl-alpha-neuraminic acid'
10 non-polymer N-[3-[[2-cycloheptylethyl(methyl)amino]methyl]-1H-indol-7-yl]-N-methyl-methanamide
11 non-polymer 'SULFATE ION'
12 water water
#
_entity_poly.entity_id   1
_entity_poly.type   'polypeptide(L)'
_entity_poly.pdbx_seq_one_letter_code
;EDDIIIATKNGKVRGMQLTVFGGTVTAFLGIPYAQPPLGRLRFKKPQSLTKWSDIWNATKYANSCCQNIDQSFPGFHGSE
MWNPNTDLSEDCLYLNVWIPAPKPKNATVLIWIYGGGFQTGTSSLHVYDGKFLARVERVIVVSMNYRVGALGFLALPGNP
EAPGNMGLFDQQLALQWVQKNIAAFGGNPKSVTLFGESAGAASVSLHLLSPGSHSLFTRAILQSGSFNAPWAVTSLYEAR
NRTLNLAKLTGCSRENETEIIKCLRNKDPQEILLNEAFVVPYGTPLSVNFGPTVDGDFLTDMPDILLELGQFKKTQILVG
VNKDEGTAFLVYGAPGFSKDNNSIITRKEFQEGLKIFFPGVSEFGKESILFHYTDWVDDQRPENYREALGDVVGDYNFIC
PALEFTKKFSEWGNNAFFYYFEHRSSKLPWPEWMGVMHGYEIEFVFGLPLERRDQYTKAEEILSRSIVKRWANFAKYGNP
QETQNQSTSWPVFKSTEQKYLTLNTESTRIMTKLRAQQCRFWTSFFPKV
;
_entity_poly.pdbx_strand_id   A
#
loop_
_chem_comp.id
_chem_comp.type
_chem_comp.name
_chem_comp.formula
BMA D-saccharide, beta linking beta-D-mannopyranose 'C6 H12 O6'
FUC L-saccharide, alpha linking alpha-L-fucopyranose 'C6 H12 O5'
GOA non-polymer 'GLYCOLIC ACID' 'C2 H4 O3'
GOL non-polymer GLYCEROL 'C3 H8 O3'
MES non-polymer '2-(N-MORPHOLINO)-ETHANESULFONIC ACID' 'C6 H13 N O4 S'
NAG D-saccharide, beta linking 2-acetamido-2-deoxy-beta-D-glucopyranose 'C8 H15 N O6'
SIA D-saccharide, alpha linking 'N-acetyl-alpha-neuraminic acid' 'C11 H19 N O9'
SO4 non-polymer 'SULFATE ION' 'O4 S -2'
WXR non-polymer N-[3-[[2-cycloheptylethyl(methyl)amino]methyl]-1H-indol-7-yl]-N-methyl-methanamide 'C21 H31 N3 O'
#
# COMPACT_ATOMS: atom_id res chain seq x y z
N ILE A 4 -28.73 0.31 -14.13
CA ILE A 4 -27.92 0.22 -15.34
C ILE A 4 -27.13 -1.10 -15.34
N ILE A 5 -27.05 -1.73 -16.51
CA ILE A 5 -26.51 -3.08 -16.66
C ILE A 5 -25.42 -3.05 -17.75
N ILE A 6 -24.33 -3.77 -17.50
CA ILE A 6 -23.18 -3.79 -18.41
C ILE A 6 -22.86 -5.23 -18.76
N ALA A 7 -22.67 -5.50 -20.06
CA ALA A 7 -22.27 -6.82 -20.51
C ALA A 7 -20.75 -6.90 -20.51
N THR A 8 -20.20 -7.81 -19.70
CA THR A 8 -18.77 -8.05 -19.66
C THR A 8 -18.45 -9.35 -20.40
N LYS A 9 -17.14 -9.59 -20.58
CA LYS A 9 -16.70 -10.78 -21.30
C LYS A 9 -17.18 -12.06 -20.64
N ASN A 10 -17.49 -12.04 -19.34
CA ASN A 10 -17.91 -13.23 -18.62
C ASN A 10 -19.39 -13.26 -18.28
N GLY A 11 -20.13 -12.19 -18.55
CA GLY A 11 -21.54 -12.14 -18.24
C GLY A 11 -21.95 -10.75 -17.85
N LYS A 12 -23.27 -10.51 -17.77
CA LYS A 12 -23.79 -9.20 -17.44
C LYS A 12 -23.72 -8.95 -15.94
N VAL A 13 -23.44 -7.70 -15.57
CA VAL A 13 -23.41 -7.29 -14.18
C VAL A 13 -24.34 -6.09 -14.01
N ARG A 14 -25.02 -6.04 -12.86
CA ARG A 14 -25.90 -4.93 -12.51
C ARG A 14 -25.21 -4.06 -11.46
N GLY A 15 -25.24 -2.75 -11.66
CA GLY A 15 -24.75 -1.79 -10.71
C GLY A 15 -25.86 -1.07 -9.96
N MET A 16 -25.49 0.03 -9.33
CA MET A 16 -26.43 0.87 -8.59
C MET A 16 -26.05 2.33 -8.76
N GLN A 17 -27.07 3.19 -8.76
CA GLN A 17 -26.84 4.63 -8.82
C GLN A 17 -26.54 5.18 -7.42
N LEU A 18 -25.60 6.12 -7.37
CA LEU A 18 -25.22 6.79 -6.13
C LEU A 18 -25.37 8.28 -6.32
N THR A 19 -25.97 8.95 -5.35
CA THR A 19 -26.01 10.41 -5.36
C THR A 19 -24.73 10.94 -4.75
N VAL A 20 -24.01 11.79 -5.49
CA VAL A 20 -22.77 12.36 -4.99
C VAL A 20 -22.72 13.82 -5.43
N PHE A 21 -22.68 14.73 -4.45
CA PHE A 21 -22.45 16.15 -4.73
C PHE A 21 -23.45 16.66 -5.77
N GLY A 22 -24.73 16.38 -5.56
CA GLY A 22 -25.74 16.80 -6.51
C GLY A 22 -25.60 16.19 -7.90
N GLY A 23 -24.87 15.09 -8.02
CA GLY A 23 -24.75 14.38 -9.28
C GLY A 23 -24.96 12.89 -9.08
N THR A 24 -24.47 12.07 -10.00
CA THR A 24 -24.65 10.63 -9.90
C THR A 24 -23.36 9.90 -10.25
N VAL A 25 -23.05 8.86 -9.49
CA VAL A 25 -22.00 7.90 -9.82
C VAL A 25 -22.66 6.54 -9.92
N THR A 26 -22.28 5.77 -10.93
CA THR A 26 -22.67 4.37 -11.00
C THR A 26 -21.57 3.53 -10.37
N ALA A 27 -21.96 2.69 -9.40
CA ALA A 27 -21.03 1.84 -8.69
C ALA A 27 -21.34 0.38 -8.97
N PHE A 28 -20.30 -0.38 -9.31
CA PHE A 28 -20.38 -1.84 -9.44
C PHE A 28 -19.49 -2.39 -8.34
N LEU A 29 -20.12 -2.85 -7.26
CA LEU A 29 -19.42 -3.30 -6.06
C LEU A 29 -19.43 -4.82 -6.03
N GLY A 30 -18.24 -5.41 -5.94
CA GLY A 30 -18.12 -6.84 -5.81
C GLY A 30 -18.36 -7.63 -7.08
N ILE A 31 -17.61 -7.32 -8.14
CA ILE A 31 -17.60 -8.13 -9.35
C ILE A 31 -16.53 -9.20 -9.16
N PRO A 32 -16.82 -10.48 -9.38
CA PRO A 32 -15.77 -11.49 -9.25
C PRO A 32 -14.83 -11.43 -10.43
N TYR A 33 -13.55 -11.68 -10.16
CA TYR A 33 -12.56 -11.67 -11.23
C TYR A 33 -11.71 -12.93 -11.29
N ALA A 34 -12.06 -13.98 -10.55
CA ALA A 34 -11.30 -15.23 -10.54
C ALA A 34 -12.16 -16.32 -9.92
N GLN A 35 -11.81 -17.57 -10.20
CA GLN A 35 -12.44 -18.65 -9.46
C GLN A 35 -12.07 -18.53 -7.99
N PRO A 36 -13.03 -18.68 -7.08
CA PRO A 36 -12.71 -18.57 -5.66
C PRO A 36 -11.60 -19.54 -5.30
N PRO A 37 -10.57 -19.08 -4.59
CA PRO A 37 -9.39 -19.94 -4.42
C PRO A 37 -9.53 -20.86 -3.21
N LEU A 38 -10.49 -21.78 -3.29
CA LEU A 38 -10.87 -22.66 -2.20
C LEU A 38 -10.49 -24.10 -2.52
N GLY A 39 -10.48 -24.92 -1.47
CA GLY A 39 -10.25 -26.35 -1.64
C GLY A 39 -8.86 -26.59 -2.19
N ARG A 40 -8.81 -27.33 -3.31
CA ARG A 40 -7.56 -27.56 -4.02
C ARG A 40 -6.90 -26.28 -4.52
N LEU A 41 -7.65 -25.18 -4.67
CA LEU A 41 -7.09 -23.93 -5.21
C LEU A 41 -6.42 -23.06 -4.16
N ARG A 42 -6.63 -23.32 -2.86
CA ARG A 42 -5.91 -22.58 -1.83
C ARG A 42 -4.40 -22.69 -2.05
N PHE A 43 -3.73 -21.54 -1.96
CA PHE A 43 -2.29 -21.32 -2.12
C PHE A 43 -1.87 -21.34 -3.59
N LYS A 44 -2.74 -21.72 -4.51
CA LYS A 44 -2.41 -21.72 -5.92
C LYS A 44 -2.66 -20.33 -6.50
N LYS A 45 -2.11 -20.12 -7.69
CA LYS A 45 -2.33 -18.90 -8.42
C LYS A 45 -3.82 -18.77 -8.75
N PRO A 46 -4.33 -17.55 -8.93
CA PRO A 46 -5.76 -17.38 -9.22
C PRO A 46 -6.09 -17.97 -10.58
N GLN A 47 -7.18 -18.72 -10.65
CA GLN A 47 -7.61 -19.34 -11.88
C GLN A 47 -8.67 -18.47 -12.56
N SER A 48 -8.71 -18.56 -13.88
CA SER A 48 -9.59 -17.74 -14.68
C SER A 48 -11.05 -18.11 -14.43
N LEU A 49 -11.92 -17.12 -14.54
CA LEU A 49 -13.32 -17.26 -14.15
C LEU A 49 -14.16 -17.84 -15.28
N THR A 50 -14.98 -18.83 -14.93
CA THR A 50 -15.88 -19.45 -15.89
C THR A 50 -17.07 -18.53 -16.17
N LYS A 51 -17.48 -18.44 -17.43
CA LYS A 51 -18.55 -17.53 -17.80
C LYS A 51 -19.84 -17.89 -17.06
N TRP A 52 -20.61 -16.86 -16.71
CA TRP A 52 -21.95 -17.06 -16.19
C TRP A 52 -22.96 -16.48 -17.17
N SER A 53 -24.20 -16.97 -17.06
CA SER A 53 -25.24 -16.61 -18.01
C SER A 53 -26.33 -15.72 -17.41
N ASP A 54 -26.36 -15.55 -16.10
CA ASP A 54 -27.38 -14.74 -15.44
C ASP A 54 -26.91 -13.27 -15.39
N ILE A 55 -27.43 -12.52 -14.44
CA ILE A 55 -27.04 -11.14 -14.22
C ILE A 55 -26.43 -11.07 -12.82
N TRP A 56 -25.12 -10.87 -12.75
CA TRP A 56 -24.48 -10.72 -11.45
C TRP A 56 -24.85 -9.38 -10.82
N ASN A 57 -25.31 -9.42 -9.58
CA ASN A 57 -25.82 -8.24 -8.89
C ASN A 57 -24.68 -7.64 -8.05
N ALA A 58 -24.01 -6.64 -8.64
CA ALA A 58 -22.83 -6.01 -8.02
C ALA A 58 -23.23 -4.76 -7.24
N THR A 59 -24.05 -4.97 -6.20
CA THR A 59 -24.68 -3.88 -5.48
C THR A 59 -24.25 -3.81 -4.03
N LYS A 60 -23.22 -4.57 -3.65
CA LYS A 60 -22.69 -4.51 -2.30
C LYS A 60 -21.26 -5.02 -2.36
N TYR A 61 -20.40 -4.44 -1.51
CA TYR A 61 -19.05 -4.94 -1.38
C TYR A 61 -19.06 -6.44 -1.06
N ALA A 62 -18.07 -7.13 -1.60
CA ALA A 62 -17.99 -8.58 -1.41
C ALA A 62 -17.17 -8.89 -0.15
N ASN A 63 -17.01 -10.19 0.13
CA ASN A 63 -16.20 -10.62 1.26
C ASN A 63 -14.78 -10.06 1.19
N SER A 64 -14.26 -9.67 2.34
CA SER A 64 -12.83 -9.38 2.45
C SER A 64 -12.10 -10.70 2.61
N CYS A 65 -10.83 -10.75 2.17
CA CYS A 65 -10.06 -11.98 2.32
C CYS A 65 -9.71 -12.24 3.78
N CYS A 66 -9.57 -13.52 4.12
CA CYS A 66 -9.17 -13.94 5.47
C CYS A 66 -7.95 -13.18 5.96
N GLN A 67 -7.97 -12.80 7.22
CA GLN A 67 -6.90 -11.98 7.78
C GLN A 67 -7.13 -11.87 9.27
N ASN A 68 -6.06 -11.58 10.00
CA ASN A 68 -6.16 -11.32 11.42
C ASN A 68 -6.44 -9.84 11.65
N ILE A 69 -7.33 -9.57 12.58
CA ILE A 69 -7.79 -8.22 12.91
C ILE A 69 -6.83 -7.57 13.89
N ASP A 70 -6.57 -6.28 13.72
CA ASP A 70 -5.90 -5.49 14.77
C ASP A 70 -6.86 -5.26 15.94
N GLN A 71 -6.55 -5.82 17.11
CA GLN A 71 -7.32 -5.64 18.35
C GLN A 71 -6.57 -4.83 19.39
N SER A 72 -5.55 -4.10 18.97
CA SER A 72 -4.74 -3.38 19.94
C SER A 72 -5.52 -2.27 20.63
N PHE A 73 -6.52 -1.66 19.98
CA PHE A 73 -7.35 -0.64 20.62
C PHE A 73 -8.81 -0.87 20.29
N PRO A 74 -9.44 -1.84 20.95
CA PRO A 74 -10.88 -2.06 20.74
C PRO A 74 -11.68 -0.79 21.01
N GLY A 75 -12.62 -0.51 20.10
CA GLY A 75 -13.51 0.62 20.19
C GLY A 75 -12.95 1.93 19.69
N PHE A 76 -11.67 1.96 19.31
CA PHE A 76 -10.99 3.17 18.89
C PHE A 76 -11.05 3.25 17.37
N HIS A 77 -11.72 4.28 16.85
CA HIS A 77 -11.87 4.43 15.41
C HIS A 77 -10.53 4.62 14.70
N GLY A 78 -9.52 5.13 15.41
CA GLY A 78 -8.24 5.35 14.77
C GLY A 78 -7.58 4.07 14.30
N SER A 79 -7.80 2.98 15.04
CA SER A 79 -7.27 1.71 14.52
C SER A 79 -8.35 0.90 13.81
N GLU A 80 -9.58 0.92 14.31
CA GLU A 80 -10.60 0.03 13.76
C GLU A 80 -11.09 0.45 12.37
N MET A 81 -10.90 1.72 11.97
CA MET A 81 -11.24 2.14 10.62
C MET A 81 -10.44 1.38 9.56
N TRP A 82 -9.36 0.71 9.94
CA TRP A 82 -8.56 -0.09 9.00
C TRP A 82 -8.96 -1.56 8.98
N ASN A 83 -9.80 -1.99 9.91
CA ASN A 83 -10.20 -3.38 9.99
C ASN A 83 -11.23 -3.70 8.90
N PRO A 84 -11.31 -4.97 8.48
CA PRO A 84 -12.26 -5.34 7.43
C PRO A 84 -13.68 -4.99 7.82
N ASN A 85 -14.46 -4.50 6.85
CA ASN A 85 -15.87 -4.16 7.09
C ASN A 85 -16.82 -5.03 6.28
N THR A 86 -16.37 -6.16 5.75
CA THR A 86 -17.27 -7.17 5.21
C THR A 86 -16.84 -8.52 5.77
N ASP A 87 -17.69 -9.53 5.59
CA ASP A 87 -17.35 -10.86 6.08
C ASP A 87 -15.99 -11.29 5.55
N LEU A 88 -15.20 -11.88 6.45
CA LEU A 88 -13.98 -12.53 6.01
C LEU A 88 -14.35 -13.85 5.33
N SER A 89 -13.60 -14.20 4.30
CA SER A 89 -13.88 -15.41 3.56
C SER A 89 -12.71 -15.68 2.64
N GLU A 90 -12.41 -16.96 2.41
CA GLU A 90 -11.48 -17.30 1.34
C GLU A 90 -12.06 -16.97 -0.02
N ASP A 91 -13.39 -16.93 -0.12
CA ASP A 91 -14.07 -16.51 -1.35
C ASP A 91 -14.08 -15.00 -1.36
N CYS A 92 -13.00 -14.41 -1.87
CA CYS A 92 -12.83 -12.97 -1.73
C CYS A 92 -12.23 -12.29 -2.97
N LEU A 93 -12.11 -12.98 -4.10
CA LEU A 93 -11.45 -12.41 -5.27
C LEU A 93 -12.50 -11.65 -6.07
N TYR A 94 -12.69 -10.39 -5.66
CA TYR A 94 -13.71 -9.52 -6.23
C TYR A 94 -13.10 -8.14 -6.39
N LEU A 95 -13.75 -7.32 -7.23
CA LEU A 95 -13.29 -5.96 -7.49
C LEU A 95 -14.50 -5.02 -7.61
N ASN A 96 -14.20 -3.72 -7.54
CA ASN A 96 -15.20 -2.67 -7.56
C ASN A 96 -14.88 -1.68 -8.69
N VAL A 97 -15.92 -1.11 -9.26
CA VAL A 97 -15.82 -0.14 -10.35
C VAL A 97 -16.76 1.03 -10.05
N TRP A 98 -16.21 2.23 -10.04
CA TRP A 98 -17.02 3.44 -9.97
C TRP A 98 -16.87 4.13 -11.32
N ILE A 99 -17.99 4.39 -11.97
CA ILE A 99 -17.92 5.11 -13.23
C ILE A 99 -18.76 6.38 -13.16
N PRO A 100 -18.33 7.46 -13.83
CA PRO A 100 -19.12 8.69 -13.83
C PRO A 100 -20.48 8.45 -14.46
N ALA A 101 -21.46 9.22 -14.01
CA ALA A 101 -22.71 9.36 -14.72
C ALA A 101 -22.85 10.81 -15.18
N PRO A 102 -23.14 11.05 -16.45
CA PRO A 102 -23.37 10.08 -17.52
C PRO A 102 -22.10 9.29 -17.86
N LYS A 103 -22.32 8.05 -18.29
CA LYS A 103 -21.24 7.14 -18.62
C LYS A 103 -20.22 7.82 -19.52
N PRO A 104 -18.94 7.72 -19.22
CA PRO A 104 -17.93 8.42 -20.02
C PRO A 104 -17.70 7.72 -21.35
N LYS A 105 -17.00 8.42 -22.23
CA LYS A 105 -16.65 7.87 -23.53
C LYS A 105 -15.34 7.11 -23.48
N ASN A 106 -14.34 7.66 -22.78
CA ASN A 106 -13.02 7.08 -22.82
C ASN A 106 -12.21 7.46 -21.60
N ALA A 107 -12.75 7.23 -20.42
CA ALA A 107 -12.18 7.81 -19.20
C ALA A 107 -10.90 7.10 -18.82
N THR A 108 -9.97 7.87 -18.26
CA THR A 108 -8.78 7.30 -17.65
C THR A 108 -9.20 6.48 -16.42
N VAL A 109 -8.47 5.40 -16.16
CA VAL A 109 -8.83 4.44 -15.12
C VAL A 109 -7.78 4.49 -14.02
N LEU A 110 -8.22 4.64 -12.79
N LEU A 110 -8.23 4.64 -12.78
CA LEU A 110 -7.35 4.59 -11.63
CA LEU A 110 -7.37 4.57 -11.61
C LEU A 110 -7.63 3.30 -10.86
C LEU A 110 -7.65 3.26 -10.90
N ILE A 111 -6.58 2.49 -10.65
CA ILE A 111 -6.72 1.20 -9.98
C ILE A 111 -6.03 1.27 -8.62
N TRP A 112 -6.84 1.13 -7.55
CA TRP A 112 -6.34 1.18 -6.18
C TRP A 112 -5.92 -0.19 -5.67
N ILE A 113 -4.74 -0.27 -5.07
CA ILE A 113 -4.26 -1.48 -4.40
C ILE A 113 -4.00 -1.10 -2.95
N TYR A 114 -4.79 -1.64 -2.02
CA TYR A 114 -4.66 -1.27 -0.62
C TYR A 114 -3.38 -1.84 0.00
N GLY A 115 -2.96 -1.19 1.09
CA GLY A 115 -1.93 -1.72 1.96
C GLY A 115 -2.50 -2.47 3.15
N GLY A 116 -1.63 -2.68 4.14
CA GLY A 116 -1.92 -3.61 5.23
C GLY A 116 -0.82 -4.63 5.41
N GLY A 117 0.42 -4.28 5.05
CA GLY A 117 1.55 -5.16 5.36
C GLY A 117 1.48 -6.52 4.70
N PHE A 118 0.71 -6.64 3.61
CA PHE A 118 0.45 -7.92 2.94
C PHE A 118 -0.21 -8.94 3.85
N GLN A 119 -0.63 -8.53 5.05
CA GLN A 119 -1.33 -9.41 5.97
C GLN A 119 -2.77 -9.00 6.21
N THR A 120 -3.13 -7.76 5.87
CA THR A 120 -4.47 -7.23 6.15
C THR A 120 -4.87 -6.25 5.05
N GLY A 121 -6.12 -5.80 5.12
CA GLY A 121 -6.62 -4.80 4.22
C GLY A 121 -7.82 -5.27 3.44
N THR A 122 -8.59 -4.33 2.91
CA THR A 122 -9.70 -4.69 2.05
C THR A 122 -10.08 -3.47 1.24
N SER A 123 -10.64 -3.72 0.05
CA SER A 123 -10.97 -2.62 -0.84
C SER A 123 -12.20 -1.85 -0.38
N SER A 124 -13.00 -2.40 0.53
CA SER A 124 -14.28 -1.80 0.92
C SER A 124 -14.16 -0.78 2.05
N LEU A 125 -12.96 -0.38 2.42
CA LEU A 125 -12.82 0.61 3.48
C LEU A 125 -13.36 1.96 3.02
N HIS A 126 -13.96 2.68 3.97
CA HIS A 126 -14.58 3.97 3.70
C HIS A 126 -13.58 4.94 3.06
N VAL A 127 -12.30 4.87 3.48
CA VAL A 127 -11.33 5.80 2.95
C VAL A 127 -10.85 5.43 1.56
N TYR A 128 -11.32 4.31 1.00
CA TYR A 128 -11.00 3.91 -0.38
C TYR A 128 -12.21 4.02 -1.30
N ASP A 129 -13.29 4.65 -0.85
CA ASP A 129 -14.49 4.82 -1.68
C ASP A 129 -14.16 5.69 -2.89
N GLY A 130 -14.15 5.09 -4.09
CA GLY A 130 -13.81 5.86 -5.28
C GLY A 130 -14.92 6.68 -5.90
N LYS A 131 -16.06 6.84 -5.24
CA LYS A 131 -17.16 7.57 -5.86
C LYS A 131 -16.90 9.06 -5.96
N PHE A 132 -16.05 9.61 -5.11
CA PHE A 132 -15.78 11.04 -5.21
C PHE A 132 -14.87 11.34 -6.38
N LEU A 133 -13.81 10.53 -6.55
CA LEU A 133 -12.92 10.69 -7.70
C LEU A 133 -13.70 10.57 -9.00
N ALA A 134 -14.63 9.62 -9.07
CA ALA A 134 -15.37 9.44 -10.31
C ALA A 134 -16.30 10.63 -10.53
N ARG A 135 -16.87 11.18 -9.46
CA ARG A 135 -17.78 12.30 -9.59
C ARG A 135 -17.05 13.59 -9.97
N VAL A 136 -15.91 13.85 -9.34
CA VAL A 136 -15.27 15.15 -9.45
C VAL A 136 -14.36 15.24 -10.68
N GLU A 137 -13.61 14.18 -10.98
CA GLU A 137 -12.64 14.21 -12.06
C GLU A 137 -13.03 13.36 -13.27
N ARG A 138 -14.18 12.68 -13.20
CA ARG A 138 -14.66 11.84 -14.30
C ARG A 138 -13.63 10.78 -14.71
N VAL A 139 -12.88 10.27 -13.75
CA VAL A 139 -12.12 9.04 -13.96
C VAL A 139 -12.96 7.84 -13.53
N ILE A 140 -12.55 6.66 -13.96
CA ILE A 140 -13.11 5.42 -13.43
C ILE A 140 -12.15 4.88 -12.37
N VAL A 141 -12.69 4.50 -11.22
CA VAL A 141 -11.90 3.97 -10.12
C VAL A 141 -12.21 2.48 -10.00
N VAL A 142 -11.16 1.67 -10.09
CA VAL A 142 -11.24 0.24 -9.83
C VAL A 142 -10.43 -0.05 -8.57
N SER A 143 -10.97 -0.92 -7.71
CA SER A 143 -10.23 -1.46 -6.59
C SER A 143 -10.52 -2.95 -6.49
N MET A 144 -9.55 -3.74 -5.99
CA MET A 144 -9.77 -5.17 -5.86
C MET A 144 -9.32 -5.68 -4.50
N ASN A 145 -9.93 -6.79 -4.07
CA ASN A 145 -9.42 -7.58 -2.96
C ASN A 145 -8.44 -8.61 -3.50
N TYR A 146 -7.34 -8.78 -2.79
CA TYR A 146 -6.33 -9.76 -3.15
C TYR A 146 -5.93 -10.49 -1.88
N ARG A 147 -5.56 -11.76 -2.01
CA ARG A 147 -5.27 -12.58 -0.85
C ARG A 147 -4.07 -12.05 -0.07
N VAL A 148 -4.17 -12.11 1.27
CA VAL A 148 -3.12 -11.62 2.16
C VAL A 148 -2.69 -12.72 3.14
N GLY A 149 -1.60 -12.44 3.84
CA GLY A 149 -1.09 -13.38 4.81
C GLY A 149 -0.62 -14.66 4.14
N ALA A 150 -0.59 -15.73 4.93
CA ALA A 150 -0.15 -17.02 4.40
C ALA A 150 -0.99 -17.41 3.18
N LEU A 151 -2.30 -17.22 3.26
CA LEU A 151 -3.18 -17.60 2.16
C LEU A 151 -2.80 -16.90 0.86
N GLY A 152 -2.14 -15.74 0.94
CA GLY A 152 -1.79 -15.00 -0.26
C GLY A 152 -0.31 -15.03 -0.60
N PHE A 153 0.54 -15.38 0.36
CA PHE A 153 1.97 -15.28 0.11
C PHE A 153 2.80 -16.43 0.68
N LEU A 154 2.18 -17.48 1.20
CA LEU A 154 2.94 -18.69 1.52
C LEU A 154 3.80 -19.11 0.33
N ALA A 155 5.03 -19.51 0.61
CA ALA A 155 6.00 -19.76 -0.46
C ALA A 155 6.80 -21.03 -0.18
N LEU A 156 6.71 -21.99 -1.11
CA LEU A 156 7.76 -23.00 -1.34
C LEU A 156 8.19 -22.83 -2.79
N PRO A 157 9.18 -21.99 -3.05
CA PRO A 157 9.35 -21.46 -4.41
C PRO A 157 9.75 -22.54 -5.40
N GLY A 158 9.25 -22.40 -6.62
CA GLY A 158 9.40 -23.41 -7.63
C GLY A 158 8.37 -24.52 -7.57
N ASN A 159 7.47 -24.50 -6.59
CA ASN A 159 6.48 -25.55 -6.43
C ASN A 159 5.12 -24.91 -6.61
N PRO A 160 4.34 -25.29 -7.65
CA PRO A 160 3.13 -24.53 -7.98
C PRO A 160 1.98 -24.72 -6.99
N GLU A 161 2.05 -25.68 -6.07
CA GLU A 161 1.02 -25.81 -5.05
C GLU A 161 1.07 -24.68 -4.03
N ALA A 162 2.18 -23.94 -3.98
CA ALA A 162 2.39 -22.79 -3.11
C ALA A 162 3.61 -22.04 -3.62
N PRO A 163 3.54 -21.42 -4.80
CA PRO A 163 4.76 -20.83 -5.40
C PRO A 163 5.15 -19.49 -4.79
N GLY A 164 4.28 -18.88 -4.01
CA GLY A 164 4.51 -17.52 -3.55
C GLY A 164 3.80 -16.52 -4.42
N ASN A 165 3.64 -15.31 -3.88
CA ASN A 165 3.18 -14.14 -4.65
C ASN A 165 1.76 -14.26 -5.17
N MET A 166 0.99 -15.25 -4.71
CA MET A 166 -0.40 -15.43 -5.15
C MET A 166 -1.21 -14.14 -5.06
N GLY A 167 -1.09 -13.40 -3.96
CA GLY A 167 -1.85 -12.16 -3.83
C GLY A 167 -1.43 -11.13 -4.87
N LEU A 168 -0.15 -11.15 -5.24
CA LEU A 168 0.31 -10.33 -6.36
C LEU A 168 -0.27 -10.81 -7.68
N PHE A 169 -0.41 -12.12 -7.87
CA PHE A 169 -1.09 -12.59 -9.07
C PHE A 169 -2.60 -12.29 -9.03
N ASP A 170 -3.21 -12.30 -7.84
CA ASP A 170 -4.59 -11.81 -7.71
C ASP A 170 -4.71 -10.39 -8.27
N GLN A 171 -3.88 -9.47 -7.78
CA GLN A 171 -3.83 -8.11 -8.32
C GLN A 171 -3.68 -8.15 -9.84
N GLN A 172 -2.70 -8.92 -10.33
CA GLN A 172 -2.40 -8.91 -11.76
C GLN A 172 -3.60 -9.38 -12.58
N LEU A 173 -4.34 -10.36 -12.05
CA LEU A 173 -5.48 -10.89 -12.79
C LEU A 173 -6.60 -9.86 -12.82
N ALA A 174 -6.68 -9.01 -11.80
CA ALA A 174 -7.64 -7.91 -11.79
C ALA A 174 -7.24 -6.81 -12.76
N LEU A 175 -5.93 -6.45 -12.79
CA LEU A 175 -5.44 -5.59 -13.86
C LEU A 175 -5.81 -6.14 -15.22
N GLN A 176 -5.67 -7.46 -15.40
CA GLN A 176 -6.09 -8.11 -16.63
C GLN A 176 -7.57 -7.91 -16.88
N TRP A 177 -8.38 -8.04 -15.83
CA TRP A 177 -9.83 -7.86 -15.96
C TRP A 177 -10.13 -6.48 -16.51
N VAL A 178 -9.44 -5.46 -16.01
CA VAL A 178 -9.64 -4.10 -16.48
C VAL A 178 -9.29 -3.99 -17.96
N GLN A 179 -8.22 -4.66 -18.41
CA GLN A 179 -7.82 -4.56 -19.81
C GLN A 179 -8.90 -5.12 -20.73
N LYS A 180 -9.50 -6.27 -20.36
CA LYS A 180 -10.48 -6.92 -21.22
C LYS A 180 -11.89 -6.35 -21.10
N ASN A 181 -12.24 -5.69 -20.00
CA ASN A 181 -13.63 -5.34 -19.74
C ASN A 181 -13.91 -3.86 -19.56
N ILE A 182 -12.90 -3.03 -19.27
CA ILE A 182 -13.24 -1.67 -18.84
C ILE A 182 -13.74 -0.81 -19.99
N ALA A 183 -13.42 -1.13 -21.25
CA ALA A 183 -14.00 -0.36 -22.34
C ALA A 183 -15.52 -0.48 -22.35
N ALA A 184 -16.06 -1.57 -21.81
CA ALA A 184 -17.50 -1.74 -21.80
C ALA A 184 -18.15 -0.82 -20.78
N PHE A 185 -17.38 -0.31 -19.82
CA PHE A 185 -17.85 0.65 -18.83
C PHE A 185 -17.54 2.09 -19.23
N GLY A 186 -17.04 2.31 -20.44
CA GLY A 186 -16.60 3.64 -20.84
C GLY A 186 -15.18 3.99 -20.46
N GLY A 187 -14.36 3.01 -20.08
CA GLY A 187 -12.99 3.25 -19.68
C GLY A 187 -12.01 3.03 -20.80
N ASN A 188 -10.82 3.60 -20.63
CA ASN A 188 -9.74 3.48 -21.60
C ASN A 188 -8.68 2.50 -21.09
N PRO A 189 -8.67 1.24 -21.53
CA PRO A 189 -7.61 0.31 -21.11
C PRO A 189 -6.19 0.81 -21.42
N LYS A 190 -6.03 1.71 -22.38
CA LYS A 190 -4.73 2.29 -22.66
C LYS A 190 -4.35 3.43 -21.71
N SER A 191 -5.22 3.80 -20.76
CA SER A 191 -4.93 4.89 -19.84
C SER A 191 -5.27 4.44 -18.43
N VAL A 192 -4.42 3.58 -17.87
CA VAL A 192 -4.65 2.96 -16.56
C VAL A 192 -3.50 3.35 -15.65
N THR A 193 -3.81 3.96 -14.52
CA THR A 193 -2.82 4.31 -13.51
C THR A 193 -3.03 3.47 -12.26
N LEU A 194 -1.99 2.79 -11.81
CA LEU A 194 -2.05 2.09 -10.52
C LEU A 194 -1.69 3.07 -9.44
N PHE A 195 -2.44 3.03 -8.34
CA PHE A 195 -2.05 3.76 -7.14
C PHE A 195 -2.34 2.89 -5.95
N GLY A 196 -1.56 3.08 -4.89
CA GLY A 196 -1.65 2.29 -3.70
C GLY A 196 -0.80 2.89 -2.60
N GLU A 197 -0.99 2.39 -1.39
CA GLU A 197 -0.34 2.96 -0.22
C GLU A 197 0.23 1.83 0.63
N SER A 198 1.40 2.06 1.23
CA SER A 198 2.08 1.05 2.07
C SER A 198 2.28 -0.22 1.25
N ALA A 199 1.79 -1.38 1.68
CA ALA A 199 2.01 -2.61 0.90
C ALA A 199 1.37 -2.50 -0.48
N GLY A 200 0.29 -1.71 -0.61
CA GLY A 200 -0.24 -1.42 -1.92
C GLY A 200 0.76 -0.67 -2.79
N ALA A 201 1.45 0.32 -2.21
CA ALA A 201 2.48 1.03 -2.98
C ALA A 201 3.64 0.11 -3.30
N ALA A 202 4.04 -0.73 -2.34
CA ALA A 202 5.06 -1.73 -2.60
C ALA A 202 4.62 -2.64 -3.75
N SER A 203 3.36 -3.08 -3.71
CA SER A 203 2.80 -3.87 -4.81
C SER A 203 2.89 -3.13 -6.14
N VAL A 204 2.52 -1.85 -6.15
CA VAL A 204 2.61 -1.10 -7.41
C VAL A 204 4.05 -1.09 -7.94
N SER A 205 5.02 -0.92 -7.04
CA SER A 205 6.41 -0.88 -7.47
C SER A 205 6.85 -2.23 -8.04
N LEU A 206 6.30 -3.32 -7.55
CA LEU A 206 6.63 -4.64 -8.07
C LEU A 206 5.95 -4.90 -9.41
N HIS A 207 4.77 -4.30 -9.63
CA HIS A 207 4.16 -4.36 -10.95
C HIS A 207 5.00 -3.64 -11.98
N LEU A 208 5.67 -2.54 -11.57
CA LEU A 208 6.60 -1.89 -12.49
C LEU A 208 7.73 -2.82 -12.88
N LEU A 209 8.03 -3.79 -12.02
CA LEU A 209 9.16 -4.68 -12.23
C LEU A 209 8.75 -5.99 -12.91
N SER A 210 7.47 -6.34 -12.90
CA SER A 210 7.07 -7.67 -13.36
C SER A 210 6.73 -7.63 -14.84
N PRO A 211 7.40 -8.41 -15.69
CA PRO A 211 7.09 -8.34 -17.13
C PRO A 211 5.63 -8.66 -17.43
N GLY A 212 5.01 -9.57 -16.68
CA GLY A 212 3.63 -9.92 -16.95
C GLY A 212 2.62 -8.85 -16.56
N SER A 213 3.07 -7.78 -15.90
CA SER A 213 2.21 -6.63 -15.65
C SER A 213 2.49 -5.44 -16.57
N HIS A 214 3.58 -5.49 -17.34
N HIS A 214 3.55 -5.49 -17.39
CA HIS A 214 4.01 -4.36 -18.18
CA HIS A 214 3.96 -4.28 -18.10
C HIS A 214 2.85 -3.83 -19.01
C HIS A 214 2.91 -3.81 -19.10
N SER A 215 2.16 -4.73 -19.70
CA SER A 215 1.14 -4.36 -20.68
C SER A 215 -0.20 -4.02 -20.08
N LEU A 216 -0.33 -4.05 -18.74
CA LEU A 216 -1.60 -3.93 -18.06
C LEU A 216 -1.79 -2.57 -17.40
N PHE A 217 -0.87 -1.63 -17.58
CA PHE A 217 -1.08 -0.30 -17.02
C PHE A 217 -0.15 0.70 -17.70
N THR A 218 -0.42 1.97 -17.47
CA THR A 218 0.34 3.05 -18.09
C THR A 218 1.35 3.69 -17.13
N ARG A 219 0.89 4.05 -15.93
CA ARG A 219 1.61 4.90 -15.01
C ARG A 219 1.37 4.38 -13.60
N ALA A 220 2.10 4.93 -12.63
CA ALA A 220 2.06 4.37 -11.29
C ALA A 220 2.26 5.47 -10.25
N ILE A 221 1.53 5.34 -9.15
CA ILE A 221 1.57 6.26 -8.01
C ILE A 221 1.89 5.44 -6.76
N LEU A 222 2.92 5.86 -6.02
CA LEU A 222 3.37 5.11 -4.84
C LEU A 222 3.30 5.96 -3.57
N GLN A 223 2.28 5.70 -2.74
CA GLN A 223 2.09 6.45 -1.50
C GLN A 223 2.66 5.68 -0.32
N SER A 224 3.67 6.27 0.35
CA SER A 224 4.24 5.68 1.58
C SER A 224 4.59 4.21 1.42
N GLY A 225 5.34 3.90 0.35
CA GLY A 225 5.80 2.53 0.19
C GLY A 225 6.49 2.29 -1.12
N SER A 226 7.39 1.29 -1.15
CA SER A 226 8.08 0.82 -2.36
C SER A 226 8.73 -0.50 -2.01
N PHE A 227 9.03 -1.32 -3.02
CA PHE A 227 9.48 -2.68 -2.70
C PHE A 227 10.80 -2.69 -1.95
N ASN A 228 11.62 -1.65 -2.07
CA ASN A 228 12.92 -1.68 -1.39
C ASN A 228 12.80 -1.23 0.05
N ALA A 229 11.60 -0.98 0.55
CA ALA A 229 11.45 -0.74 1.97
C ALA A 229 11.81 -2.02 2.73
N PRO A 230 12.43 -1.91 3.91
CA PRO A 230 12.95 -3.11 4.58
C PRO A 230 11.87 -4.14 4.93
N TRP A 231 10.61 -3.73 5.09
CA TRP A 231 9.54 -4.66 5.45
C TRP A 231 8.87 -5.31 4.25
N ALA A 232 9.21 -4.92 3.01
CA ALA A 232 8.33 -5.25 1.89
C ALA A 232 8.65 -6.54 1.15
N VAL A 233 9.87 -7.07 1.21
CA VAL A 233 10.21 -8.30 0.49
C VAL A 233 10.73 -9.33 1.48
N THR A 234 10.16 -10.54 1.44
CA THR A 234 10.60 -11.66 2.24
C THR A 234 11.72 -12.42 1.52
N SER A 235 12.84 -12.63 2.20
CA SER A 235 13.91 -13.42 1.61
C SER A 235 13.47 -14.86 1.43
N LEU A 236 14.12 -15.56 0.50
CA LEU A 236 13.71 -16.92 0.24
C LEU A 236 14.11 -17.84 1.39
N TYR A 237 15.13 -17.46 2.15
CA TYR A 237 15.46 -18.18 3.38
C TYR A 237 14.30 -18.09 4.37
N GLU A 238 13.88 -16.88 4.71
CA GLU A 238 12.79 -16.75 5.67
C GLU A 238 11.51 -17.40 5.16
N ALA A 239 11.18 -17.22 3.88
CA ALA A 239 9.95 -17.80 3.35
C ALA A 239 9.91 -19.31 3.59
N ARG A 240 11.03 -19.98 3.38
CA ARG A 240 11.09 -21.41 3.68
C ARG A 240 11.00 -21.66 5.18
N ASN A 241 11.82 -20.95 5.99
CA ASN A 241 11.78 -21.15 7.44
C ASN A 241 10.39 -20.85 7.99
N ARG A 242 9.66 -19.94 7.33
CA ARG A 242 8.33 -19.56 7.79
C ARG A 242 7.27 -20.55 7.32
N THR A 243 7.35 -21.02 6.08
CA THR A 243 6.47 -22.10 5.66
C THR A 243 6.65 -23.31 6.55
N LEU A 244 7.89 -23.65 6.89
CA LEU A 244 8.13 -24.82 7.72
C LEU A 244 7.61 -24.62 9.13
N ASN A 245 7.82 -23.44 9.69
CA ASN A 245 7.33 -23.19 11.05
C ASN A 245 5.81 -23.33 11.09
N LEU A 246 5.12 -22.68 10.14
CA LEU A 246 3.66 -22.79 10.13
C LEU A 246 3.22 -24.23 9.95
N ALA A 247 3.94 -25.01 9.14
CA ALA A 247 3.69 -26.45 9.07
C ALA A 247 3.81 -27.10 10.44
N LYS A 248 4.87 -26.77 11.18
CA LYS A 248 5.05 -27.36 12.51
C LYS A 248 3.91 -26.94 13.44
N LEU A 249 3.56 -25.64 13.46
CA LEU A 249 2.48 -25.19 14.33
C LEU A 249 1.16 -25.87 14.05
N THR A 250 0.90 -26.23 12.80
CA THR A 250 -0.38 -26.79 12.40
C THR A 250 -0.39 -28.30 12.39
N GLY A 251 0.68 -28.94 12.84
CA GLY A 251 0.75 -30.40 12.76
C GLY A 251 0.80 -30.92 11.35
N CYS A 252 1.45 -30.17 10.44
CA CYS A 252 1.49 -30.49 9.01
C CYS A 252 2.89 -30.75 8.51
N SER A 253 3.87 -30.90 9.40
CA SER A 253 5.22 -31.23 8.97
C SER A 253 5.24 -32.58 8.27
N ARG A 254 5.71 -32.60 7.03
CA ARG A 254 5.90 -33.80 6.25
C ARG A 254 7.31 -33.78 5.68
N GLU A 255 7.65 -34.77 4.87
CA GLU A 255 8.89 -34.73 4.09
C GLU A 255 8.67 -34.30 2.65
N ASN A 256 7.70 -34.91 1.96
CA ASN A 256 7.29 -34.47 0.62
C ASN A 256 6.71 -33.07 0.74
N GLU A 257 7.39 -32.08 0.16
CA GLU A 257 6.92 -30.69 0.24
C GLU A 257 5.49 -30.55 -0.23
N THR A 258 5.14 -31.23 -1.32
CA THR A 258 3.75 -31.17 -1.78
C THR A 258 2.80 -31.71 -0.73
N GLU A 259 3.20 -32.77 -0.02
CA GLU A 259 2.34 -33.33 1.02
C GLU A 259 2.10 -32.34 2.15
N ILE A 260 3.08 -31.48 2.45
CA ILE A 260 2.86 -30.45 3.47
C ILE A 260 1.71 -29.54 3.06
N ILE A 261 1.70 -29.10 1.79
CA ILE A 261 0.66 -28.20 1.31
C ILE A 261 -0.70 -28.89 1.32
N LYS A 262 -0.75 -30.16 0.91
CA LYS A 262 -2.02 -30.87 1.00
C LYS A 262 -2.53 -30.86 2.43
N CYS A 263 -1.63 -31.08 3.40
CA CYS A 263 -2.04 -31.02 4.81
C CYS A 263 -2.57 -29.63 5.14
N LEU A 264 -1.83 -28.58 4.79
CA LEU A 264 -2.31 -27.23 5.07
C LEU A 264 -3.61 -26.91 4.34
N ARG A 265 -3.90 -27.63 3.25
CA ARG A 265 -5.13 -27.38 2.51
C ARG A 265 -6.35 -27.92 3.24
N ASN A 266 -6.19 -28.93 4.08
CA ASN A 266 -7.32 -29.44 4.85
C ASN A 266 -7.55 -28.66 6.13
N LYS A 267 -6.64 -27.77 6.50
CA LYS A 267 -6.83 -27.00 7.71
C LYS A 267 -7.90 -25.94 7.49
N ASP A 268 -8.58 -25.60 8.53
CA ASP A 268 -9.58 -24.56 8.48
C ASP A 268 -8.89 -23.19 8.44
N PRO A 269 -9.45 -22.22 7.70
CA PRO A 269 -8.78 -20.91 7.58
C PRO A 269 -8.35 -20.31 8.91
N GLN A 270 -9.16 -20.42 9.96
CA GLN A 270 -8.82 -19.82 11.24
C GLN A 270 -7.63 -20.49 11.89
N GLU A 271 -7.47 -21.79 11.69
CA GLU A 271 -6.26 -22.47 12.16
C GLU A 271 -5.02 -21.86 11.54
N ILE A 272 -5.04 -21.67 10.22
CA ILE A 272 -3.89 -21.07 9.55
C ILE A 272 -3.63 -19.68 10.09
N LEU A 273 -4.69 -18.87 10.20
CA LEU A 273 -4.54 -17.47 10.59
C LEU A 273 -3.96 -17.34 11.98
N LEU A 274 -4.41 -18.20 12.90
CA LEU A 274 -3.99 -18.06 14.29
C LEU A 274 -2.53 -18.44 14.46
N ASN A 275 -2.02 -19.34 13.63
CA ASN A 275 -0.62 -19.70 13.74
C ASN A 275 0.31 -18.77 12.97
N GLU A 276 -0.22 -17.95 12.05
CA GLU A 276 0.61 -17.06 11.23
C GLU A 276 1.53 -16.17 12.07
N ALA A 277 1.01 -15.65 13.19
CA ALA A 277 1.73 -14.65 13.97
C ALA A 277 3.07 -15.18 14.49
N PHE A 278 3.07 -16.39 15.03
CA PHE A 278 4.23 -16.94 15.72
C PHE A 278 5.22 -17.61 14.80
N VAL A 279 5.09 -17.41 13.49
CA VAL A 279 6.01 -18.07 12.58
C VAL A 279 7.36 -17.35 12.56
N VAL A 280 7.39 -16.06 12.90
CA VAL A 280 8.65 -15.33 13.02
C VAL A 280 9.22 -15.58 14.41
N PRO A 281 10.52 -15.53 14.59
CA PRO A 281 11.08 -15.63 15.95
C PRO A 281 10.97 -14.29 16.68
N TYR A 282 11.43 -13.22 16.03
CA TYR A 282 11.45 -11.87 16.58
C TYR A 282 10.59 -10.98 15.69
N GLY A 283 9.32 -10.82 16.08
CA GLY A 283 8.46 -9.91 15.37
C GLY A 283 8.65 -8.46 15.81
N THR A 284 8.20 -7.56 14.96
CA THR A 284 8.18 -6.12 15.18
C THR A 284 6.80 -5.61 14.79
N PRO A 285 6.47 -4.37 15.16
CA PRO A 285 5.19 -3.77 14.67
C PRO A 285 5.06 -3.76 13.15
N LEU A 286 6.17 -3.69 12.43
CA LEU A 286 6.20 -3.65 10.98
C LEU A 286 6.45 -5.01 10.35
N SER A 287 6.25 -6.09 11.11
CA SER A 287 6.58 -7.42 10.63
C SER A 287 5.65 -7.86 9.50
N VAL A 288 6.22 -8.49 8.49
CA VAL A 288 5.47 -9.01 7.35
C VAL A 288 5.78 -10.49 7.28
N ASN A 289 4.91 -11.31 7.88
CA ASN A 289 5.18 -12.73 8.01
C ASN A 289 5.27 -13.41 6.66
N PHE A 290 4.26 -13.20 5.81
CA PHE A 290 4.17 -13.82 4.51
C PHE A 290 4.02 -12.72 3.47
N GLY A 291 5.08 -12.46 2.71
CA GLY A 291 5.11 -11.35 1.78
C GLY A 291 5.66 -11.72 0.42
N PRO A 292 5.86 -10.73 -0.43
CA PRO A 292 6.43 -11.00 -1.75
C PRO A 292 7.78 -11.68 -1.62
N THR A 293 8.01 -12.66 -2.48
CA THR A 293 9.30 -13.34 -2.59
C THR A 293 9.74 -13.33 -4.05
N VAL A 294 11.00 -13.68 -4.26
CA VAL A 294 11.49 -13.96 -5.60
C VAL A 294 11.03 -15.37 -5.96
N ASP A 295 10.00 -15.45 -6.79
CA ASP A 295 9.40 -16.72 -7.14
C ASP A 295 9.85 -17.28 -8.49
N GLY A 296 10.53 -16.48 -9.32
CA GLY A 296 10.83 -16.92 -10.67
C GLY A 296 9.68 -16.82 -11.65
N ASP A 297 8.62 -16.13 -11.29
CA ASP A 297 7.42 -16.03 -12.11
C ASP A 297 7.01 -14.56 -12.16
N PHE A 298 6.38 -14.11 -11.07
CA PHE A 298 6.08 -12.69 -10.95
C PHE A 298 7.36 -11.87 -10.84
N LEU A 299 8.31 -12.34 -10.03
CA LEU A 299 9.60 -11.69 -9.83
C LEU A 299 10.67 -12.65 -10.32
N THR A 300 11.37 -12.27 -11.40
CA THR A 300 12.37 -13.14 -12.01
C THR A 300 13.74 -13.06 -11.34
N ASP A 301 13.98 -12.06 -10.51
CA ASP A 301 15.27 -11.81 -9.89
C ASP A 301 15.03 -10.98 -8.64
N MET A 302 16.07 -10.79 -7.85
CA MET A 302 15.94 -9.94 -6.68
C MET A 302 15.68 -8.49 -7.10
N PRO A 303 14.63 -7.86 -6.58
CA PRO A 303 14.19 -6.59 -7.18
C PRO A 303 15.19 -5.45 -6.99
N ASP A 304 16.04 -5.48 -5.97
CA ASP A 304 17.11 -4.47 -5.93
C ASP A 304 17.97 -4.56 -7.18
N ILE A 305 18.19 -5.76 -7.68
CA ILE A 305 19.02 -5.92 -8.88
C ILE A 305 18.30 -5.36 -10.11
N LEU A 306 17.04 -5.78 -10.34
CA LEU A 306 16.25 -5.24 -11.44
C LEU A 306 16.19 -3.71 -11.41
N LEU A 307 15.84 -3.13 -10.25
CA LEU A 307 15.85 -1.67 -10.12
C LEU A 307 17.21 -1.08 -10.51
N GLU A 308 18.29 -1.59 -9.91
CA GLU A 308 19.59 -0.97 -10.10
C GLU A 308 20.00 -1.00 -11.57
N LEU A 309 19.62 -2.05 -12.29
CA LEU A 309 20.07 -2.27 -13.66
C LEU A 309 19.01 -1.89 -14.69
N GLY A 310 17.95 -1.20 -14.27
CA GLY A 310 17.03 -0.61 -15.22
C GLY A 310 16.04 -1.56 -15.84
N GLN A 311 15.78 -2.69 -15.18
CA GLN A 311 14.88 -3.72 -15.70
C GLN A 311 13.47 -3.51 -15.16
N PHE A 312 12.81 -2.45 -15.66
CA PHE A 312 11.45 -2.14 -15.23
C PHE A 312 10.73 -1.33 -16.31
N LYS A 313 9.42 -1.23 -16.15
CA LYS A 313 8.58 -0.47 -17.07
C LYS A 313 9.02 0.99 -17.10
N LYS A 314 9.30 1.50 -18.29
CA LYS A 314 9.69 2.88 -18.52
C LYS A 314 8.41 3.71 -18.65
N THR A 315 8.13 4.53 -17.64
CA THR A 315 6.89 5.31 -17.57
C THR A 315 7.07 6.34 -16.45
N GLN A 316 6.07 7.20 -16.29
CA GLN A 316 6.11 8.22 -15.25
C GLN A 316 5.69 7.62 -13.93
N ILE A 317 6.23 8.16 -12.85
CA ILE A 317 5.81 7.76 -11.51
C ILE A 317 5.60 8.97 -10.64
N LEU A 318 4.68 8.82 -9.70
CA LEU A 318 4.43 9.79 -8.65
C LEU A 318 4.64 9.05 -7.32
N VAL A 319 5.55 9.57 -6.51
CA VAL A 319 5.96 8.91 -5.27
C VAL A 319 5.93 9.95 -4.17
N GLY A 320 5.59 9.52 -2.95
CA GLY A 320 5.64 10.44 -1.82
C GLY A 320 5.51 9.72 -0.49
N VAL A 321 5.70 10.50 0.57
CA VAL A 321 5.70 10.03 1.95
C VAL A 321 5.09 11.12 2.81
N ASN A 322 4.73 10.74 4.03
CA ASN A 322 4.16 11.64 5.02
C ASN A 322 5.21 12.07 6.03
N LYS A 323 4.96 13.23 6.66
CA LYS A 323 5.98 13.83 7.51
C LYS A 323 6.31 12.94 8.71
N ASP A 324 5.33 12.20 9.24
CA ASP A 324 5.50 11.42 10.47
C ASP A 324 5.08 9.96 10.24
N GLU A 325 5.68 9.33 9.22
CA GLU A 325 5.39 7.93 8.89
C GLU A 325 5.58 6.99 10.09
N GLY A 326 6.62 7.22 10.89
CA GLY A 326 6.98 6.22 11.88
C GLY A 326 6.17 6.23 13.16
N THR A 327 5.47 7.32 13.46
CA THR A 327 4.95 7.47 14.82
C THR A 327 3.84 6.46 15.14
N ALA A 328 3.01 6.12 14.16
CA ALA A 328 1.90 5.20 14.39
C ALA A 328 2.39 3.88 14.93
N PHE A 329 3.56 3.43 14.49
CA PHE A 329 3.99 2.10 14.86
C PHE A 329 4.60 2.03 16.25
N LEU A 330 4.93 3.18 16.85
CA LEU A 330 5.58 3.17 18.16
C LEU A 330 4.63 2.71 19.26
N VAL A 331 3.32 2.96 19.10
CA VAL A 331 2.39 2.51 20.14
C VAL A 331 2.07 1.03 20.05
N TYR A 332 2.60 0.33 19.04
CA TYR A 332 2.39 -1.11 18.88
C TYR A 332 3.56 -1.92 19.43
N GLY A 333 4.21 -1.45 20.48
CA GLY A 333 5.29 -2.24 21.03
C GLY A 333 6.40 -1.49 21.73
N ALA A 334 6.71 -0.28 21.28
CA ALA A 334 7.82 0.46 21.89
C ALA A 334 7.48 0.79 23.34
N PRO A 335 8.37 0.54 24.29
CA PRO A 335 8.06 0.81 25.69
C PRO A 335 8.01 2.30 25.95
N GLY A 336 7.18 2.69 26.93
CA GLY A 336 6.98 4.08 27.27
C GLY A 336 6.05 4.83 26.34
N PHE A 337 5.53 4.17 25.30
CA PHE A 337 4.65 4.80 24.32
C PHE A 337 3.20 4.42 24.56
N SER A 338 2.30 5.33 24.20
CA SER A 338 0.88 5.15 24.43
C SER A 338 0.13 6.22 23.64
N LYS A 339 -0.93 5.85 22.94
CA LYS A 339 -1.72 6.89 22.28
C LYS A 339 -2.45 7.78 23.28
N ASP A 340 -2.52 7.40 24.56
CA ASP A 340 -3.33 8.10 25.56
C ASP A 340 -2.48 8.94 26.53
N ASN A 341 -1.24 9.24 26.16
CA ASN A 341 -0.40 10.18 26.90
C ASN A 341 0.67 10.65 25.92
N ASN A 342 1.45 11.64 26.33
CA ASN A 342 2.33 12.27 25.34
C ASN A 342 3.66 11.53 25.16
N SER A 343 3.82 10.37 25.79
CA SER A 343 4.83 9.39 25.38
C SER A 343 6.24 9.96 25.47
N ILE A 344 6.49 10.77 26.49
CA ILE A 344 7.85 11.26 26.74
C ILE A 344 8.68 10.07 27.21
N ILE A 345 9.66 9.65 26.42
CA ILE A 345 10.45 8.48 26.79
C ILE A 345 11.87 8.91 27.12
N THR A 346 12.53 8.11 27.96
CA THR A 346 13.91 8.33 28.34
C THR A 346 14.88 7.78 27.28
N ARG A 347 16.16 8.06 27.49
CA ARG A 347 17.20 7.50 26.64
C ARG A 347 17.20 5.97 26.69
N LYS A 348 17.00 5.42 27.89
CA LYS A 348 16.96 3.96 28.04
C LYS A 348 15.76 3.38 27.31
N GLU A 349 14.62 4.08 27.34
CA GLU A 349 13.44 3.63 26.61
C GLU A 349 13.68 3.71 25.11
N PHE A 350 14.32 4.77 24.64
CA PHE A 350 14.68 4.85 23.23
C PHE A 350 15.54 3.67 22.82
N GLN A 351 16.57 3.35 23.62
CA GLN A 351 17.42 2.21 23.32
C GLN A 351 16.62 0.90 23.28
N GLU A 352 15.76 0.67 24.27
CA GLU A 352 14.89 -0.50 24.22
C GLU A 352 13.99 -0.46 22.99
N GLY A 353 13.53 0.74 22.60
CA GLY A 353 12.74 0.84 21.39
C GLY A 353 13.48 0.40 20.14
N LEU A 354 14.77 0.71 20.05
CA LEU A 354 15.57 0.23 18.92
C LEU A 354 15.63 -1.29 18.90
N LYS A 355 15.76 -1.92 20.09
CA LYS A 355 15.75 -3.38 20.14
C LYS A 355 14.46 -3.94 19.56
N ILE A 356 13.33 -3.28 19.81
CA ILE A 356 12.05 -3.75 19.30
C ILE A 356 11.98 -3.61 17.79
N PHE A 357 12.45 -2.49 17.26
CA PHE A 357 12.30 -2.25 15.83
C PHE A 357 13.45 -2.82 15.01
N PHE A 358 14.57 -3.18 15.63
CA PHE A 358 15.72 -3.74 14.91
C PHE A 358 16.16 -5.02 15.61
N PRO A 359 15.27 -6.01 15.68
CA PRO A 359 15.53 -7.15 16.57
C PRO A 359 16.80 -7.92 16.26
N GLY A 360 17.06 -8.23 14.99
CA GLY A 360 18.21 -9.05 14.67
C GLY A 360 19.47 -8.27 14.35
N VAL A 361 19.50 -7.00 14.71
CA VAL A 361 20.60 -6.10 14.37
C VAL A 361 21.62 -6.14 15.50
N SER A 362 22.91 -6.07 15.15
CA SER A 362 23.97 -6.15 16.13
C SER A 362 23.90 -4.96 17.11
N GLU A 363 24.61 -5.13 18.22
CA GLU A 363 24.75 -4.04 19.19
C GLU A 363 25.36 -2.80 18.54
N PHE A 364 26.43 -2.99 17.78
CA PHE A 364 27.08 -1.85 17.13
C PHE A 364 26.13 -1.14 16.19
N GLY A 365 25.29 -1.91 15.48
CA GLY A 365 24.32 -1.31 14.60
C GLY A 365 23.30 -0.46 15.33
N LYS A 366 22.82 -0.94 16.49
CA LYS A 366 21.87 -0.13 17.25
C LYS A 366 22.55 1.11 17.82
N GLU A 367 23.79 0.99 18.28
CA GLU A 367 24.51 2.18 18.76
C GLU A 367 24.65 3.19 17.64
N SER A 368 24.91 2.73 16.41
CA SER A 368 25.13 3.68 15.32
C SER A 368 23.85 4.43 14.99
N ILE A 369 22.70 3.75 15.06
CA ILE A 369 21.42 4.44 14.96
C ILE A 369 21.31 5.50 16.05
N LEU A 370 21.59 5.11 17.30
CA LEU A 370 21.51 6.07 18.41
C LEU A 370 22.44 7.25 18.18
N PHE A 371 23.67 6.98 17.72
CA PHE A 371 24.63 8.05 17.52
C PHE A 371 24.15 9.07 16.50
N HIS A 372 23.55 8.60 15.40
CA HIS A 372 23.15 9.49 14.31
CA HIS A 372 23.20 9.55 14.36
C HIS A 372 21.88 10.27 14.63
N TYR A 373 21.04 9.76 15.53
CA TYR A 373 19.77 10.39 15.80
C TYR A 373 19.69 11.04 17.17
N THR A 374 20.79 11.15 17.92
CA THR A 374 20.71 11.70 19.27
C THR A 374 21.78 12.75 19.51
N ASP A 375 22.10 13.53 18.49
CA ASP A 375 22.94 14.71 18.65
C ASP A 375 22.03 15.93 18.43
N TRP A 376 21.47 16.45 19.53
CA TRP A 376 20.34 17.36 19.47
C TRP A 376 20.76 18.82 19.26
N VAL A 377 19.80 19.60 18.75
CA VAL A 377 19.91 21.05 18.82
C VAL A 377 19.70 21.52 20.27
N ASP A 378 18.85 20.81 21.02
CA ASP A 378 18.69 21.05 22.46
C ASP A 378 18.58 19.71 23.16
N ASP A 379 19.51 19.45 24.09
CA ASP A 379 19.51 18.19 24.83
C ASP A 379 18.51 18.16 25.99
N GLN A 380 17.90 19.30 26.32
CA GLN A 380 16.97 19.38 27.45
C GLN A 380 15.52 19.15 27.04
N ARG A 381 15.18 19.42 25.77
CA ARG A 381 13.95 19.12 25.06
C ARG A 381 13.47 17.73 25.48
N PRO A 382 12.48 17.61 26.37
CA PRO A 382 12.13 16.29 26.91
C PRO A 382 11.48 15.36 25.90
N GLU A 383 10.95 15.88 24.80
CA GLU A 383 10.44 15.08 23.70
C GLU A 383 11.54 14.61 22.75
N ASN A 384 12.81 14.88 23.07
CA ASN A 384 13.91 14.59 22.14
C ASN A 384 13.90 13.13 21.70
N TYR A 385 13.87 12.20 22.67
CA TYR A 385 13.96 10.78 22.33
C TYR A 385 12.67 10.25 21.72
N ARG A 386 11.52 10.76 22.16
CA ARG A 386 10.24 10.37 21.56
C ARG A 386 10.23 10.65 20.06
N GLU A 387 10.67 11.86 19.68
CA GLU A 387 10.62 12.21 18.27
C GLU A 387 11.71 11.52 17.46
N ALA A 388 12.88 11.27 18.08
CA ALA A 388 13.95 10.58 17.37
C ALA A 388 13.54 9.16 16.99
N LEU A 389 12.85 8.45 17.90
CA LEU A 389 12.44 7.09 17.58
C LEU A 389 11.42 7.07 16.45
N GLY A 390 10.43 7.97 16.50
CA GLY A 390 9.54 8.13 15.35
C GLY A 390 10.29 8.42 14.06
N ASP A 391 11.27 9.33 14.12
CA ASP A 391 12.04 9.65 12.94
C ASP A 391 12.88 8.47 12.47
N VAL A 392 13.46 7.71 13.41
CA VAL A 392 14.21 6.51 13.04
C VAL A 392 13.31 5.57 12.24
N VAL A 393 12.13 5.27 12.78
CA VAL A 393 11.25 4.28 12.16
C VAL A 393 10.74 4.78 10.82
N GLY A 394 10.43 6.08 10.74
CA GLY A 394 9.87 6.63 9.51
C GLY A 394 10.92 6.74 8.42
N ASP A 395 12.13 7.21 8.77
CA ASP A 395 13.18 7.35 7.77
C ASP A 395 13.62 5.99 7.24
N TYR A 396 13.81 5.03 8.14
CA TYR A 396 14.33 3.73 7.73
C TYR A 396 13.30 2.98 6.91
N ASN A 397 12.05 2.99 7.34
CA ASN A 397 11.03 2.14 6.75
C ASN A 397 10.28 2.78 5.59
N PHE A 398 10.35 4.10 5.42
CA PHE A 398 9.52 4.71 4.39
C PHE A 398 10.24 5.77 3.56
N ILE A 399 10.77 6.79 4.24
CA ILE A 399 11.24 7.96 3.50
C ILE A 399 12.45 7.61 2.67
N CYS A 400 13.50 7.09 3.30
CA CYS A 400 14.71 6.78 2.54
C CYS A 400 14.48 5.71 1.47
N PRO A 401 13.72 4.64 1.69
CA PRO A 401 13.45 3.71 0.58
C PRO A 401 12.64 4.35 -0.55
N ALA A 402 11.68 5.23 -0.23
CA ALA A 402 10.94 5.93 -1.27
C ALA A 402 11.86 6.80 -2.09
N LEU A 403 12.72 7.56 -1.42
CA LEU A 403 13.64 8.42 -2.14
C LEU A 403 14.62 7.61 -2.97
N GLU A 404 15.17 6.52 -2.40
CA GLU A 404 16.11 5.71 -3.16
CA GLU A 404 16.09 5.65 -3.12
C GLU A 404 15.43 5.08 -4.38
N PHE A 405 14.20 4.61 -4.23
CA PHE A 405 13.47 4.11 -5.38
C PHE A 405 13.32 5.20 -6.44
N THR A 406 12.93 6.41 -6.02
CA THR A 406 12.69 7.46 -7.00
C THR A 406 13.98 7.88 -7.71
N LYS A 407 15.09 7.99 -6.97
CA LYS A 407 16.38 8.27 -7.58
C LYS A 407 16.73 7.23 -8.63
N LYS A 408 16.72 5.95 -8.24
CA LYS A 408 17.11 4.86 -9.15
C LYS A 408 16.18 4.81 -10.35
N PHE A 409 14.88 4.94 -10.12
CA PHE A 409 13.93 4.86 -11.21
C PHE A 409 14.15 6.00 -12.20
N SER A 410 14.31 7.23 -11.69
CA SER A 410 14.46 8.37 -12.58
C SER A 410 15.79 8.33 -13.33
N GLU A 411 16.80 7.64 -12.81
CA GLU A 411 18.10 7.63 -13.46
C GLU A 411 18.05 7.01 -14.85
N TRP A 412 16.96 6.32 -15.18
CA TRP A 412 16.84 5.72 -16.49
C TRP A 412 15.97 6.53 -17.45
N GLY A 413 15.79 7.83 -17.18
CA GLY A 413 15.22 8.74 -18.17
C GLY A 413 13.77 9.11 -17.94
N ASN A 414 13.09 8.47 -17.01
CA ASN A 414 11.66 8.67 -16.77
C ASN A 414 11.40 9.89 -15.87
N ASN A 415 10.31 10.58 -16.17
CA ASN A 415 9.83 11.65 -15.32
C ASN A 415 9.29 11.09 -13.99
N ALA A 416 9.75 11.65 -12.89
CA ALA A 416 9.28 11.26 -11.58
C ALA A 416 8.90 12.51 -10.80
N PHE A 417 7.90 12.36 -9.94
CA PHE A 417 7.39 13.46 -9.13
C PHE A 417 7.28 12.98 -7.69
N PHE A 418 7.90 13.72 -6.76
CA PHE A 418 7.96 13.32 -5.36
C PHE A 418 7.27 14.37 -4.50
N TYR A 419 6.46 13.90 -3.55
CA TYR A 419 5.74 14.79 -2.64
C TYR A 419 6.09 14.45 -1.20
N TYR A 420 5.95 15.46 -0.35
CA TYR A 420 6.13 15.35 1.10
C TYR A 420 4.84 15.87 1.71
N PHE A 421 4.00 14.96 2.21
CA PHE A 421 2.69 15.32 2.76
C PHE A 421 2.86 15.70 4.24
N GLU A 422 2.49 16.95 4.58
CA GLU A 422 2.70 17.45 5.94
C GLU A 422 1.45 18.07 6.55
N HIS A 423 0.28 17.64 6.12
CA HIS A 423 -0.95 18.11 6.76
C HIS A 423 -1.55 17.03 7.65
N ARG A 424 -1.77 17.35 8.91
CA ARG A 424 -2.42 16.41 9.83
C ARG A 424 -3.92 16.67 9.82
N SER A 425 -4.70 15.62 9.54
CA SER A 425 -6.14 15.76 9.42
C SER A 425 -6.74 16.36 10.70
N SER A 426 -7.60 17.38 10.52
CA SER A 426 -8.25 18.03 11.65
C SER A 426 -9.15 17.10 12.44
N LYS A 427 -9.57 15.99 11.86
CA LYS A 427 -10.41 15.03 12.57
C LYS A 427 -9.60 13.84 13.10
N LEU A 428 -8.26 13.90 13.07
CA LEU A 428 -7.43 12.74 13.44
C LEU A 428 -7.70 12.29 14.88
N PRO A 429 -8.10 11.04 15.10
CA PRO A 429 -8.41 10.58 16.46
C PRO A 429 -7.18 10.18 17.27
N TRP A 430 -6.03 10.02 16.64
CA TRP A 430 -4.79 9.72 17.34
C TRP A 430 -4.23 10.97 18.03
N PRO A 431 -3.31 10.82 18.97
CA PRO A 431 -2.85 11.99 19.73
C PRO A 431 -1.95 12.87 18.87
N GLU A 432 -1.73 14.10 19.37
CA GLU A 432 -1.03 15.11 18.58
C GLU A 432 0.44 14.77 18.37
N TRP A 433 1.09 14.11 19.34
CA TRP A 433 2.52 13.85 19.23
C TRP A 433 2.84 12.96 18.03
N MET A 434 1.85 12.25 17.49
CA MET A 434 2.13 11.44 16.31
C MET A 434 2.07 12.25 15.03
N GLY A 435 1.60 13.50 15.08
CA GLY A 435 1.75 14.37 13.92
C GLY A 435 1.03 13.85 12.68
N VAL A 436 1.74 13.92 11.54
CA VAL A 436 1.17 13.67 10.22
C VAL A 436 1.38 12.18 9.95
N MET A 437 0.39 11.37 10.34
CA MET A 437 0.64 9.93 10.45
C MET A 437 0.62 9.23 9.11
N HIS A 438 1.34 8.10 9.08
CA HIS A 438 1.20 7.09 8.05
C HIS A 438 -0.27 6.75 7.82
N GLY A 439 -0.68 6.81 6.55
CA GLY A 439 -1.99 6.37 6.13
C GLY A 439 -3.04 7.46 6.07
N TYR A 440 -2.72 8.66 6.52
CA TYR A 440 -3.74 9.69 6.65
C TYR A 440 -3.58 10.79 5.60
N GLU A 441 -2.89 10.49 4.50
CA GLU A 441 -3.09 11.23 3.25
C GLU A 441 -4.15 10.60 2.38
N ILE A 442 -4.47 9.32 2.62
CA ILE A 442 -5.33 8.55 1.73
C ILE A 442 -6.67 9.23 1.56
N GLU A 443 -7.28 9.65 2.67
CA GLU A 443 -8.59 10.27 2.60
C GLU A 443 -8.53 11.58 1.82
N PHE A 444 -7.38 12.25 1.81
CA PHE A 444 -7.27 13.45 0.97
C PHE A 444 -7.21 13.08 -0.50
N VAL A 445 -6.45 12.04 -0.82
CA VAL A 445 -6.34 11.55 -2.20
C VAL A 445 -7.72 11.14 -2.73
N PHE A 446 -8.54 10.49 -1.90
CA PHE A 446 -9.85 10.02 -2.33
C PHE A 446 -10.93 11.08 -2.20
N GLY A 447 -10.57 12.25 -1.69
CA GLY A 447 -11.47 13.40 -1.74
C GLY A 447 -12.56 13.40 -0.70
N LEU A 448 -12.40 12.65 0.38
CA LEU A 448 -13.38 12.73 1.47
C LEU A 448 -13.58 14.15 1.99
N PRO A 449 -12.55 14.99 2.16
CA PRO A 449 -12.80 16.36 2.62
C PRO A 449 -13.60 17.21 1.65
N LEU A 450 -13.82 16.75 0.43
CA LEU A 450 -14.71 17.48 -0.45
C LEU A 450 -16.16 17.39 0.03
N GLU A 451 -16.49 16.41 0.87
CA GLU A 451 -17.84 16.33 1.44
C GLU A 451 -17.95 17.33 2.60
N ARG A 452 -18.70 18.40 2.37
CA ARG A 452 -18.87 19.46 3.38
C ARG A 452 -19.57 18.98 4.64
N ARG A 453 -20.40 17.94 4.53
CA ARG A 453 -21.11 17.41 5.70
C ARG A 453 -20.19 16.70 6.70
N ASP A 454 -18.92 16.48 6.38
CA ASP A 454 -18.05 15.61 7.15
C ASP A 454 -17.08 16.35 8.06
N GLN A 455 -17.38 17.59 8.42
CA GLN A 455 -16.65 18.41 9.38
C GLN A 455 -15.11 18.42 9.22
N TYR A 456 -14.62 18.40 7.99
CA TYR A 456 -13.27 18.86 7.71
C TYR A 456 -13.26 20.38 7.60
N THR A 457 -12.08 20.98 7.76
CA THR A 457 -12.06 22.44 7.60
C THR A 457 -12.17 22.82 6.13
N LYS A 458 -12.40 24.12 5.90
CA LYS A 458 -12.42 24.63 4.53
C LYS A 458 -11.04 24.50 3.89
N ALA A 459 -9.97 24.80 4.64
CA ALA A 459 -8.63 24.66 4.08
C ALA A 459 -8.35 23.21 3.68
N GLU A 460 -9.02 22.25 4.33
CA GLU A 460 -8.81 20.84 4.00
C GLU A 460 -9.58 20.46 2.75
N GLU A 461 -10.78 21.01 2.57
CA GLU A 461 -11.50 20.82 1.30
C GLU A 461 -10.65 21.30 0.12
N ILE A 462 -10.06 22.49 0.26
CA ILE A 462 -9.21 23.04 -0.80
C ILE A 462 -7.98 22.16 -1.04
N LEU A 463 -7.34 21.69 0.04
CA LEU A 463 -6.16 20.86 -0.14
C LEU A 463 -6.51 19.53 -0.81
N SER A 464 -7.60 18.89 -0.38
CA SER A 464 -8.03 17.68 -1.07
C SER A 464 -8.37 17.96 -2.53
N ARG A 465 -9.02 19.10 -2.79
CA ARG A 465 -9.40 19.45 -4.15
C ARG A 465 -8.17 19.56 -5.04
N SER A 466 -7.14 20.27 -4.55
N SER A 466 -7.14 20.26 -4.55
CA SER A 466 -5.93 20.40 -5.34
CA SER A 466 -5.91 20.41 -5.31
C SER A 466 -5.21 19.05 -5.47
C SER A 466 -5.19 19.08 -5.46
N ILE A 467 -5.22 18.24 -4.42
CA ILE A 467 -4.54 16.94 -4.50
C ILE A 467 -5.24 16.02 -5.51
N VAL A 468 -6.57 15.99 -5.45
CA VAL A 468 -7.35 15.18 -6.37
C VAL A 468 -7.08 15.59 -7.83
N LYS A 469 -7.07 16.89 -8.10
CA LYS A 469 -6.76 17.38 -9.46
C LYS A 469 -5.36 16.94 -9.89
N ARG A 470 -4.37 17.07 -9.01
CA ARG A 470 -3.01 16.67 -9.37
C ARG A 470 -2.91 15.16 -9.66
N TRP A 471 -3.52 14.33 -8.81
CA TRP A 471 -3.54 12.87 -9.06
C TRP A 471 -4.19 12.55 -10.40
N ALA A 472 -5.34 13.16 -10.68
CA ALA A 472 -6.07 12.87 -11.90
C ALA A 472 -5.31 13.36 -13.12
N ASN A 473 -4.69 14.54 -13.04
CA ASN A 473 -3.87 14.99 -14.16
C ASN A 473 -2.65 14.09 -14.35
N PHE A 474 -2.07 13.57 -13.26
CA PHE A 474 -1.01 12.59 -13.42
C PHE A 474 -1.51 11.37 -14.19
N ALA A 475 -2.64 10.80 -13.76
CA ALA A 475 -3.14 9.62 -14.43
C ALA A 475 -3.49 9.90 -15.89
N LYS A 476 -4.15 11.04 -16.17
CA LYS A 476 -4.55 11.32 -17.54
C LYS A 476 -3.38 11.72 -18.42
N TYR A 477 -2.47 12.54 -17.88
CA TYR A 477 -1.52 13.26 -18.72
C TYR A 477 -0.06 13.04 -18.32
N GLY A 478 0.18 12.22 -17.30
CA GLY A 478 1.54 12.03 -16.84
C GLY A 478 2.17 13.22 -16.15
N ASN A 479 1.38 14.20 -15.73
CA ASN A 479 1.93 15.47 -15.27
C ASN A 479 1.05 16.02 -14.15
N PRO A 480 1.52 15.92 -12.82
CA PRO A 480 0.64 16.18 -11.68
C PRO A 480 0.47 17.66 -11.35
N GLN A 481 0.16 18.46 -12.37
CA GLN A 481 -0.01 19.89 -12.18
C GLN A 481 -1.46 20.20 -11.87
N GLU A 482 -1.67 21.33 -11.20
CA GLU A 482 -2.96 22.00 -11.11
C GLU A 482 -2.75 23.30 -11.85
N THR A 483 -3.27 23.41 -13.06
CA THR A 483 -2.85 24.44 -13.98
C THR A 483 -3.69 25.70 -13.96
N GLN A 484 -4.75 25.74 -13.15
CA GLN A 484 -5.70 26.84 -13.25
C GLN A 484 -5.69 27.77 -12.06
N ASN A 485 -5.60 27.24 -10.86
CA ASN A 485 -5.74 28.08 -9.67
C ASN A 485 -4.37 28.59 -9.19
N GLN A 486 -3.59 29.09 -10.16
CA GLN A 486 -2.25 29.63 -9.93
C GLN A 486 -1.41 28.79 -8.96
N SER A 487 -1.45 27.46 -9.12
CA SER A 487 -0.77 26.61 -8.16
C SER A 487 0.74 26.60 -8.41
N THR A 488 1.48 26.22 -7.37
CA THR A 488 2.91 25.96 -7.51
C THR A 488 3.10 24.83 -8.53
N SER A 489 4.02 25.05 -9.46
CA SER A 489 4.36 24.02 -10.42
C SER A 489 5.16 22.92 -9.73
N TRP A 490 4.79 21.68 -10.00
CA TRP A 490 5.45 20.52 -9.40
C TRP A 490 6.59 20.10 -10.32
N PRO A 491 7.86 20.31 -9.95
CA PRO A 491 8.97 19.96 -10.83
C PRO A 491 9.26 18.47 -10.83
N VAL A 492 9.90 18.00 -11.90
CA VAL A 492 10.29 16.59 -11.93
C VAL A 492 11.43 16.38 -10.95
N PHE A 493 11.41 15.24 -10.27
CA PHE A 493 12.50 14.81 -9.38
C PHE A 493 13.63 14.26 -10.23
N LYS A 494 14.78 14.94 -10.21
CA LYS A 494 16.00 14.51 -10.90
C LYS A 494 17.00 14.03 -9.85
N SER A 495 17.94 13.17 -10.25
CA SER A 495 18.86 12.62 -9.26
C SER A 495 19.89 13.64 -8.81
N THR A 496 20.12 14.69 -9.60
CA THR A 496 20.99 15.79 -9.20
C THR A 496 20.34 16.64 -8.11
N GLU A 497 19.29 17.35 -8.48
CA GLU A 497 18.75 18.38 -7.61
C GLU A 497 17.69 17.85 -6.65
N GLN A 498 16.99 16.78 -7.01
CA GLN A 498 16.11 16.08 -6.09
C GLN A 498 15.05 17.01 -5.51
N LYS A 499 14.39 17.76 -6.38
CA LYS A 499 13.33 18.66 -5.96
C LYS A 499 12.09 17.86 -5.61
N TYR A 500 11.36 18.32 -4.59
CA TYR A 500 10.10 17.71 -4.21
C TYR A 500 9.13 18.79 -3.80
N LEU A 501 7.84 18.44 -3.85
CA LEU A 501 6.75 19.37 -3.57
C LEU A 501 6.14 19.04 -2.20
N THR A 502 5.95 20.06 -1.37
CA THR A 502 5.30 19.85 -0.08
C THR A 502 3.81 20.07 -0.24
N LEU A 503 3.02 19.19 0.38
CA LEU A 503 1.55 19.24 0.32
C LEU A 503 1.04 19.62 1.70
N ASN A 504 0.42 20.80 1.79
CA ASN A 504 -0.15 21.26 3.05
C ASN A 504 -1.16 22.37 2.75
N THR A 505 -1.84 22.82 3.81
CA THR A 505 -2.92 23.79 3.63
C THR A 505 -2.42 25.22 3.55
N GLU A 506 -1.20 25.51 3.97
CA GLU A 506 -0.73 26.88 3.98
C GLU A 506 0.05 27.24 2.72
N SER A 507 1.16 26.54 2.47
CA SER A 507 2.02 26.87 1.33
C SER A 507 2.61 25.60 0.74
N THR A 508 2.32 25.35 -0.53
CA THR A 508 3.02 24.31 -1.26
C THR A 508 4.37 24.89 -1.66
N ARG A 509 5.43 24.32 -1.15
CA ARG A 509 6.78 24.76 -1.45
C ARG A 509 7.50 23.72 -2.28
N ILE A 510 8.44 24.18 -3.07
CA ILE A 510 9.39 23.30 -3.70
C ILE A 510 10.64 23.28 -2.84
N MET A 511 11.09 22.08 -2.49
CA MET A 511 12.27 21.87 -1.66
CA MET A 511 12.27 21.87 -1.66
C MET A 511 13.19 20.87 -2.32
N THR A 512 14.37 20.72 -1.75
CA THR A 512 15.39 19.84 -2.31
C THR A 512 15.97 18.94 -1.22
N LYS A 513 16.23 17.69 -1.62
CA LYS A 513 17.08 16.74 -0.86
C LYS A 513 16.48 16.43 0.52
N LEU A 514 15.26 15.92 0.48
CA LEU A 514 14.55 15.53 1.70
C LEU A 514 15.38 14.55 2.53
N ARG A 515 15.57 14.88 3.80
CA ARG A 515 16.23 14.00 4.78
C ARG A 515 17.60 13.54 4.32
N ALA A 516 18.34 14.45 3.66
CA ALA A 516 19.63 14.09 3.08
C ALA A 516 20.55 13.42 4.10
N GLN A 517 20.77 14.07 5.25
CA GLN A 517 21.67 13.51 6.26
C GLN A 517 21.20 12.15 6.73
N GLN A 518 19.92 12.04 7.09
CA GLN A 518 19.40 10.79 7.62
C GLN A 518 19.50 9.66 6.60
N CYS A 519 19.20 9.96 5.32
CA CYS A 519 19.14 8.89 4.33
C CYS A 519 20.52 8.46 3.88
N ARG A 520 21.52 9.34 3.98
CA ARG A 520 22.88 8.87 3.75
C ARG A 520 23.30 7.87 4.80
N PHE A 521 22.82 8.02 6.04
CA PHE A 521 23.11 7.00 7.04
C PHE A 521 22.41 5.70 6.69
N TRP A 522 21.11 5.76 6.40
CA TRP A 522 20.32 4.54 6.22
C TRP A 522 20.72 3.80 4.95
N THR A 523 20.85 4.50 3.83
CA THR A 523 21.02 3.81 2.56
C THR A 523 22.48 3.52 2.23
N SER A 524 23.42 4.20 2.89
CA SER A 524 24.83 3.98 2.62
C SER A 524 25.55 3.24 3.74
N PHE A 525 25.46 3.72 4.98
CA PHE A 525 26.06 2.99 6.09
C PHE A 525 25.24 1.75 6.42
N PHE A 526 23.99 1.94 6.86
CA PHE A 526 23.30 0.91 7.62
C PHE A 526 23.20 -0.47 6.96
N PRO A 527 23.04 -0.61 5.64
CA PRO A 527 23.01 -1.97 5.05
C PRO A 527 24.31 -2.75 5.25
N LYS A 528 25.41 -2.07 5.59
CA LYS A 528 26.65 -2.78 5.87
C LYS A 528 26.62 -3.51 7.21
N VAL A 529 25.71 -3.14 8.12
CA VAL A 529 25.71 -3.74 9.45
C VAL A 529 25.01 -5.11 9.44
C1 NAG B . -30.65 -9.40 -8.87
C2 NAG B . -31.45 -10.42 -8.04
C3 NAG B . -32.93 -10.44 -8.42
C4 NAG B . -33.51 -9.04 -8.43
C5 NAG B . -32.68 -8.16 -9.36
C6 NAG B . -33.17 -6.74 -9.47
C7 NAG B . -29.94 -12.25 -7.37
C8 NAG B . -29.45 -13.64 -7.69
N2 NAG B . -30.86 -11.75 -8.19
O3 NAG B . -33.64 -11.24 -7.49
O4 NAG B . -34.86 -9.05 -8.88
O5 NAG B . -31.34 -8.12 -8.86
O6 NAG B . -33.83 -6.31 -8.28
O7 NAG B . -29.51 -11.62 -6.40
C1 FUC B . -32.93 -5.42 -7.57
C2 FUC B . -33.78 -4.33 -6.90
C3 FUC B . -34.64 -4.93 -5.75
C4 FUC B . -33.74 -5.66 -4.72
C5 FUC B . -32.82 -6.69 -5.44
C6 FUC B . -31.73 -7.26 -4.53
O2 FUC B . -34.56 -3.59 -7.85
O3 FUC B . -35.36 -3.91 -5.06
O4 FUC B . -32.96 -4.72 -3.97
O5 FUC B . -32.13 -6.13 -6.61
C1 NAG C . -9.79 6.00 -26.36
C2 NAG C . -10.23 5.69 -27.79
C3 NAG C . -9.19 4.82 -28.47
C4 NAG C . -7.81 5.48 -28.38
C5 NAG C . -7.48 5.89 -26.94
C6 NAG C . -6.22 6.73 -26.84
C7 NAG C . -12.70 5.72 -27.87
C8 NAG C . -13.94 4.89 -27.92
N2 NAG C . -11.54 5.03 -27.83
O3 NAG C . -9.59 4.62 -29.82
O4 NAG C . -6.80 4.56 -28.76
O5 NAG C . -8.55 6.67 -26.39
O6 NAG C . -5.71 6.82 -25.50
O7 NAG C . -12.72 6.95 -27.87
C1 NAG C . -6.72 4.47 -30.19
C2 NAG C . -5.29 4.73 -30.62
C3 NAG C . -5.15 4.53 -32.13
C4 NAG C . -5.74 3.21 -32.58
C5 NAG C . -7.12 2.96 -31.96
C6 NAG C . -7.63 1.55 -32.16
C7 NAG C . -3.77 6.30 -29.52
C8 NAG C . -3.49 7.75 -29.20
N2 NAG C . -4.87 6.06 -30.23
O3 NAG C . -3.77 4.61 -32.43
O4 NAG C . -5.93 3.19 -33.99
O5 NAG C . -7.09 3.18 -30.55
O6 NAG C . -8.16 1.03 -30.95
O7 NAG C . -3.02 5.40 -29.13
C1 BMA C . -4.70 3.03 -34.76
C2 BMA C . -4.08 1.60 -34.47
C3 BMA C . -2.98 1.23 -35.51
C4 BMA C . -3.33 1.68 -36.95
C5 BMA C . -3.75 3.17 -36.97
C6 BMA C . -4.01 3.73 -38.36
O2 BMA C . -5.06 0.56 -34.47
O3 BMA C . -2.65 -0.16 -35.47
O4 BMA C . -2.22 1.49 -37.83
O5 BMA C . -4.94 3.28 -36.17
O6 BMA C . -5.32 3.37 -38.78
C1 FUC C . -4.60 7.76 -25.45
C2 FUC C . -4.40 8.38 -23.98
C3 FUC C . -3.69 7.39 -23.00
C4 FUC C . -2.40 6.82 -23.63
C5 FUC C . -2.70 6.21 -25.03
C6 FUC C . -1.45 5.71 -25.75
O2 FUC C . -5.61 8.94 -23.41
O3 FUC C . -3.34 8.03 -21.74
O4 FUC C . -1.41 7.85 -23.75
O5 FUC C . -3.36 7.17 -25.92
C1 NAG D . 14.18 -20.62 11.76
C2 NAG D . 14.49 -19.46 12.69
C3 NAG D . 15.15 -19.98 13.95
C4 NAG D . 14.19 -20.93 14.68
C5 NAG D . 13.73 -22.05 13.74
C6 NAG D . 12.53 -22.79 14.32
C7 NAG D . 16.58 -18.37 11.89
C8 NAG D . 17.15 -17.12 11.27
N2 NAG D . 15.26 -18.39 12.08
O3 NAG D . 15.50 -18.88 14.80
O4 NAG D . 14.82 -21.49 15.83
O5 NAG D . 13.30 -21.57 12.44
O6 NAG D . 11.57 -21.85 14.80
O7 NAG D . 17.31 -19.33 12.18
C1 NAG D . 14.43 -20.83 17.06
C2 NAG D . 14.51 -21.80 18.27
C3 NAG D . 14.16 -21.07 19.56
C4 NAG D . 15.05 -19.84 19.74
C5 NAG D . 14.92 -18.93 18.51
C6 NAG D . 15.84 -17.73 18.57
C7 NAG D . 13.97 -24.04 17.38
C8 NAG D . 12.92 -25.12 17.31
N2 NAG D . 13.63 -22.95 18.08
O3 NAG D . 14.30 -21.94 20.68
O4 NAG D . 14.69 -19.14 20.93
O5 NAG D . 15.26 -19.67 17.33
O6 NAG D . 16.04 -17.16 17.29
O7 NAG D . 15.06 -24.15 16.83
C1 FUC D . 10.93 -22.28 16.03
C2 FUC D . 10.37 -21.04 16.83
C3 FUC D . 9.29 -20.30 16.02
C4 FUC D . 8.17 -21.27 15.62
C5 FUC D . 8.75 -22.59 15.01
C6 FUC D . 7.73 -23.70 14.86
O2 FUC D . 11.38 -20.14 17.31
O3 FUC D . 8.68 -19.28 16.83
O4 FUC D . 7.35 -21.54 16.75
O5 FUC D . 9.87 -23.17 15.74
C1 NAG E . 2.31 6.51 29.01
C2 NAG E . 3.24 6.69 30.22
C3 NAG E . 4.16 5.49 30.39
C4 NAG E . 3.37 4.20 30.42
C5 NAG E . 2.51 4.12 29.16
C6 NAG E . 1.64 2.89 29.09
C7 NAG E . 3.55 9.14 30.28
C8 NAG E . 4.49 10.28 30.04
N2 NAG E . 4.03 7.91 30.06
O3 NAG E . 4.90 5.61 31.61
O4 NAG E . 4.27 3.09 30.41
O5 NAG E . 1.63 5.26 29.12
O6 NAG E . 1.05 2.59 30.34
O7 NAG E . 2.39 9.32 30.64
C1 NAG E . 4.21 2.22 31.53
C2 NAG E . 4.91 0.94 31.06
C3 NAG E . 5.03 -0.07 32.20
C4 NAG E . 5.69 0.57 33.40
C5 NAG E . 4.90 1.81 33.80
C6 NAG E . 5.48 2.55 34.98
C7 NAG E . 4.73 0.35 28.70
C8 NAG E . 3.89 -0.31 27.62
N2 NAG E . 4.21 0.34 29.93
O3 NAG E . 5.79 -1.19 31.76
O4 NAG E . 5.76 -0.36 34.49
O5 NAG E . 4.87 2.73 32.69
O6 NAG E . 4.50 3.40 35.58
O7 NAG E . 5.81 0.86 28.45
C1 FUC E . -0.34 2.31 30.12
C2 FUC E . -0.95 1.74 31.44
C3 FUC E . -1.13 2.82 32.53
C4 FUC E . -1.83 4.08 31.99
C5 FUC E . -1.15 4.56 30.66
C6 FUC E . -1.86 5.71 29.93
O2 FUC E . -0.19 0.63 31.91
O3 FUC E . -1.93 2.31 33.60
O4 FUC E . -3.22 3.84 31.79
O5 FUC E . -1.03 3.49 29.70
C1 NAG F . -10.17 26.34 -8.09
C2 NAG F . -10.61 24.96 -7.57
C3 NAG F . -12.15 24.84 -7.53
C4 NAG F . -12.75 25.99 -6.74
C5 NAG F . -12.31 27.30 -7.38
C6 NAG F . -12.84 28.51 -6.64
C7 NAG F . -8.96 23.19 -8.04
C8 NAG F . -8.54 22.13 -9.01
N2 NAG F . -10.04 23.89 -8.38
O3 NAG F . -12.55 23.60 -6.97
O4 NAG F . -14.18 25.93 -6.73
O5 NAG F . -10.88 27.39 -7.35
O6 NAG F . -11.86 29.54 -6.58
O7 NAG F . -8.34 23.39 -6.99
C1 FUC F . -12.38 30.68 -7.30
C2 FUC F . -11.83 31.93 -6.56
C3 FUC F . -10.34 32.13 -6.87
C4 FUC F . -10.09 32.15 -8.39
C5 FUC F . -10.62 30.85 -9.02
C6 FUC F . -10.51 30.83 -10.55
O2 FUC F . -12.03 31.84 -5.16
O3 FUC F . -9.88 33.37 -6.33
O4 FUC F . -10.76 33.27 -8.98
O5 FUC F . -12.01 30.64 -8.69
C1 NAG G . 5.29 -36.12 -3.62
C2 NAG G . 6.27 -36.88 -4.52
C3 NAG G . 6.00 -36.53 -5.98
C4 NAG G . 4.54 -36.83 -6.33
C5 NAG G . 3.59 -36.14 -5.35
C6 NAG G . 2.15 -36.56 -5.56
C7 NAG G . 8.27 -35.44 -4.25
C8 NAG G . 9.71 -35.41 -3.81
N2 NAG G . 7.66 -36.62 -4.16
O3 NAG G . 6.86 -37.28 -6.83
O4 NAG G . 4.25 -36.41 -7.66
O5 NAG G . 3.92 -36.46 -3.98
O6 NAG G . 1.28 -35.97 -4.60
O7 NAG G . 7.70 -34.42 -4.66
C1 GOL H . -11.33 9.48 10.81
O1 GOL H . -12.31 10.26 10.14
C2 GOL H . -9.93 9.97 10.33
O2 GOL H . -9.63 9.48 9.06
C3 GOL H . -10.04 11.50 10.40
O3 GOL H . -9.08 12.05 9.57
C1 GOL I . -21.00 2.35 -0.14
O1 GOL I . -21.84 1.32 -0.57
C2 GOL I . -20.85 3.35 -1.32
O2 GOL I . -20.67 4.66 -0.84
C3 GOL I . -19.60 2.86 -2.16
O3 GOL I . -19.23 3.91 -3.02
O1 MES J . 16.12 17.06 5.58
C2 MES J . 15.93 17.08 7.00
C3 MES J . 14.46 16.93 7.36
N4 MES J . 13.65 17.81 6.52
C5 MES J . 13.95 17.98 5.10
C6 MES J . 15.46 18.13 4.92
C7 MES J . 12.25 18.08 6.91
C8 MES J . 12.14 18.01 8.43
S MES J . 10.54 17.80 8.92
O1S MES J . 9.72 17.31 7.79
O2S MES J . 9.95 19.09 9.35
O3S MES J . 10.49 16.83 10.06
C1 GOL K . 9.67 -9.46 8.47
O1 GOL K . 9.18 -8.23 8.92
C2 GOL K . 10.39 -9.15 7.10
O2 GOL K . 11.15 -10.21 6.65
C3 GOL K . 9.26 -8.77 6.08
O3 GOL K . 9.13 -9.82 5.14
C GOA L . -2.84 0.46 6.45
CA GOA L . -1.63 1.44 6.52
O GOA L . -3.36 0.05 7.52
OXT GOA L . -3.15 0.19 5.25
O2 GOA L . -0.44 0.80 6.09
C1 GOL M . -13.23 -15.78 9.06
O1 GOL M . -12.68 -15.75 10.37
C2 GOL M . -12.15 -16.37 8.12
O2 GOL M . -11.00 -16.72 8.83
C3 GOL M . -12.82 -17.62 7.41
O3 GOL M . -14.14 -17.28 7.08
C1 SIA N . -26.76 -11.94 0.88
C2 SIA N . -25.59 -13.01 1.15
C3 SIA N . -24.23 -12.61 0.52
C4 SIA N . -22.96 -13.31 1.03
C5 SIA N . -23.28 -14.24 2.20
C6 SIA N . -24.17 -13.45 3.20
C7 SIA N . -24.47 -14.17 4.55
C8 SIA N . -25.77 -13.65 5.24
C9 SIA N . -25.84 -14.07 6.71
C10 SIA N . -21.03 -14.16 3.42
C11 SIA N . -19.92 -15.07 3.96
N5 SIA N . -22.06 -14.81 2.83
O1A SIA N . -26.36 -10.95 0.19
O1B SIA N . -27.90 -12.18 1.37
O2 SIA N . -26.05 -14.21 0.65
O4 SIA N . -22.27 -14.05 0.00
O6 SIA N . -25.46 -13.20 2.61
O7 SIA N . -24.47 -15.58 4.35
O8 SIA N . -25.97 -12.23 5.09
O9 SIA N . -24.79 -13.45 7.48
O10 SIA N . -20.94 -12.94 3.55
C01 WXR O . 0.73 -4.21 12.09
C03 WXR O . -0.47 -2.00 12.01
C04 WXR O . -1.81 -1.23 12.03
C05 WXR O . -1.68 0.33 12.15
C06 WXR O . -0.98 0.96 10.92
C07 WXR O . -0.74 2.47 10.92
C08 WXR O . -1.94 3.29 10.45
C10 WXR O . -2.85 2.52 12.74
C11 WXR O . -3.02 1.06 12.37
C12 WXR O . -0.96 -3.87 10.27
C13 WXR O . -0.16 -3.13 9.21
C14 WXR O . -0.63 -2.00 8.57
C16 WXR O . 1.44 -2.31 7.70
C17 WXR O . 2.66 -2.20 6.95
C18 WXR O . 3.68 -3.14 7.18
C20 WXR O . 2.26 -4.27 8.85
C21 WXR O . 1.21 -3.34 8.67
C23 WXR O . 3.66 0.00 6.40
C24 WXR O . 1.97 -0.87 4.91
O25 WXR O . 1.16 -1.70 4.53
C09 WXR O . -2.97 3.50 11.59
C19 WXR O . 3.45 -4.18 8.13
N02 WXR O . -0.61 -3.53 11.76
N15 WXR O . 0.29 -1.51 7.68
N22 WXR O . 2.75 -1.08 6.06
C1 GOL P . -16.06 19.85 -6.83
O1 GOL P . -16.83 19.50 -5.74
C2 GOL P . -16.97 19.82 -8.08
O2 GOL P . -16.28 19.45 -9.23
C3 GOL P . -18.16 18.86 -7.77
O3 GOL P . -18.60 18.40 -9.04
S SO4 Q . -0.66 26.64 -4.01
O1 SO4 Q . -1.67 25.94 -3.20
O2 SO4 Q . -0.12 25.75 -5.04
O3 SO4 Q . -1.27 27.81 -4.67
O4 SO4 Q . 0.42 27.12 -3.14
S SO4 R . 8.95 10.70 -19.75
O1 SO4 R . 8.80 9.75 -18.60
O2 SO4 R . 8.07 10.29 -20.84
O3 SO4 R . 8.57 12.04 -19.29
O4 SO4 R . 10.33 10.72 -20.26
S SO4 S . 24.52 4.48 27.37
O1 SO4 S . 24.57 3.02 27.49
O2 SO4 S . 23.19 4.99 27.71
O3 SO4 S . 24.82 4.87 25.98
O4 SO4 S . 25.51 5.09 28.26
S SO4 T . 20.41 22.49 -2.36
O1 SO4 T . 21.55 21.56 -2.45
O2 SO4 T . 19.37 22.05 -3.28
O3 SO4 T . 20.82 23.86 -2.72
O4 SO4 T . 19.88 22.45 -0.99
#